data_7PEE
#
_entry.id   7PEE
#
_cell.length_a   145.080
_cell.length_b   145.080
_cell.length_c   217.770
_cell.angle_alpha   90.000
_cell.angle_beta   90.000
_cell.angle_gamma   90.000
#
_symmetry.space_group_name_H-M   'P 43 2 2'
#
loop_
_entity.id
_entity.type
_entity.pdbx_description
1 polymer 'Tumor-associated calcium signal transducer 2'
2 branched 2-acetamido-2-deoxy-beta-D-glucopyranose-(1-4)-[alpha-L-fucopyranose-(1-6)]2-acetamido-2-deoxy-beta-D-glucopyranose
3 non-polymer 'SULFATE ION'
4 non-polymer 2-acetamido-2-deoxy-beta-D-glucopyranose
5 water water
#
_entity_poly.entity_id   1
_entity_poly.type   'polypeptide(L)'
_entity_poly.pdbx_seq_one_letter_code
;(PCA)DNCTCPTNKMTVCSPDGPGGRCQCRALGSGMAVDCSTLTSKCLLLKARMSAPKNARTLVRPSEHALVDNDGLYDP
DCDPEGRFKARQCQQTSVCWCVNSVGVRRTDKGDLSLRCDELVRTHHILIDLRHRPTAGAFNHSDLDAELRRLFRERYRL
HPKFVAAVHYEQPTIQIELRQQTSQKAAGDVDIGDAAYYFERDIKGESLFQGRGGLDLRVRGEPLQVERTLIYYLDEIPP
KFSMKRLTHHHHHH
;
_entity_poly.pdbx_strand_id   A,B,C,D
#
loop_
_chem_comp.id
_chem_comp.type
_chem_comp.name
_chem_comp.formula
FUC L-saccharide, alpha linking alpha-L-fucopyranose 'C6 H12 O5'
NAG D-saccharide, beta linking 2-acetamido-2-deoxy-beta-D-glucopyranose 'C8 H15 N O6'
SO4 non-polymer 'SULFATE ION' 'O4 S -2'
#
# COMPACT_ATOMS: atom_id res chain seq x y z
N ASP A 2 -28.69 2.23 -4.30
CA ASP A 2 -28.15 2.37 -2.95
C ASP A 2 -27.92 3.84 -2.58
N ASN A 3 -28.27 4.17 -1.33
CA ASN A 3 -27.82 5.42 -0.73
C ASN A 3 -26.29 5.47 -0.65
N CYS A 4 -25.68 4.28 -0.49
CA CYS A 4 -24.21 4.16 -0.29
C CYS A 4 -23.49 3.97 -1.61
N THR A 5 -22.95 5.06 -2.15
CA THR A 5 -22.20 5.01 -3.42
C THR A 5 -20.93 5.82 -3.27
N CYS A 6 -20.09 5.77 -4.28
CA CYS A 6 -18.84 6.52 -4.31
C CYS A 6 -18.82 7.30 -5.63
N PRO A 7 -19.46 8.47 -5.66
CA PRO A 7 -19.76 9.11 -6.95
C PRO A 7 -18.56 9.37 -7.83
N THR A 8 -17.41 9.73 -7.25
CA THR A 8 -16.22 10.04 -8.05
C THR A 8 -15.40 8.81 -8.41
N ASN A 9 -15.76 7.62 -7.94
CA ASN A 9 -14.93 6.43 -8.19
C ASN A 9 -15.80 5.19 -8.04
N LYS A 10 -16.24 4.62 -9.16
CA LYS A 10 -16.99 3.37 -9.10
C LYS A 10 -16.09 2.15 -8.99
N MET A 11 -14.77 2.32 -9.10
CA MET A 11 -13.86 1.20 -8.92
C MET A 11 -13.66 0.94 -7.43
N THR A 12 -14.76 0.82 -6.71
CA THR A 12 -14.77 0.70 -5.27
C THR A 12 -15.88 -0.25 -4.87
N VAL A 13 -15.78 -0.76 -3.65
CA VAL A 13 -16.91 -1.45 -3.03
C VAL A 13 -17.34 -0.64 -1.82
N CYS A 14 -18.63 -0.36 -1.77
CA CYS A 14 -19.17 0.52 -0.72
C CYS A 14 -20.32 -0.21 -0.04
N SER A 15 -20.30 -0.25 1.29
CA SER A 15 -21.34 -0.97 2.05
C SER A 15 -21.81 -0.08 3.20
N PRO A 16 -23.11 -0.06 3.49
CA PRO A 16 -23.62 0.70 4.61
C PRO A 16 -23.43 -0.03 5.93
N ASP A 17 -22.19 -0.35 6.29
CA ASP A 17 -21.92 -1.18 7.45
C ASP A 17 -21.03 -0.49 8.47
N GLY A 18 -20.89 0.83 8.39
CA GLY A 18 -20.24 1.57 9.45
C GLY A 18 -21.18 1.84 10.60
N PRO A 19 -20.68 2.55 11.60
CA PRO A 19 -21.55 2.95 12.72
C PRO A 19 -22.78 3.67 12.20
N GLY A 20 -23.94 3.21 12.64
CA GLY A 20 -25.18 3.82 12.20
C GLY A 20 -25.54 3.58 10.75
N GLY A 21 -24.74 2.82 10.02
CA GLY A 21 -25.02 2.66 8.59
C GLY A 21 -24.22 3.56 7.68
N ARG A 22 -23.13 4.10 8.18
CA ARG A 22 -22.26 4.98 7.40
C ARG A 22 -21.75 4.23 6.19
N CYS A 23 -21.76 4.89 5.06
CA CYS A 23 -21.25 4.26 3.84
C CYS A 23 -19.76 4.16 3.99
N GLN A 24 -19.27 2.94 4.07
CA GLN A 24 -17.82 2.70 4.13
C GLN A 24 -17.39 2.16 2.77
N CYS A 25 -16.40 2.79 2.16
CA CYS A 25 -15.97 2.43 0.80
C CYS A 25 -14.49 2.09 0.77
N ARG A 26 -14.10 1.17 -0.11
CA ARG A 26 -12.69 0.86 -0.29
C ARG A 26 -12.38 0.62 -1.76
N ALA A 27 -11.16 1.02 -2.15
CA ALA A 27 -10.71 0.86 -3.53
C ALA A 27 -10.50 -0.61 -3.89
N LEU A 28 -10.97 -1.00 -5.07
CA LEU A 28 -10.63 -2.32 -5.59
C LEU A 28 -9.14 -2.41 -5.89
N GLY A 29 -8.57 -3.58 -5.64
CA GLY A 29 -7.21 -3.88 -6.00
C GLY A 29 -6.16 -3.39 -5.03
N SER A 30 -6.51 -2.56 -4.06
CA SER A 30 -5.53 -1.99 -3.17
C SER A 30 -5.99 -1.94 -1.72
N GLY A 31 -7.29 -1.93 -1.47
CA GLY A 31 -7.77 -1.83 -0.12
C GLY A 31 -7.68 -0.44 0.45
N MET A 32 -7.30 0.54 -0.36
CA MET A 32 -7.02 1.88 0.14
C MET A 32 -8.31 2.67 0.35
N ALA A 33 -8.25 3.61 1.28
CA ALA A 33 -9.37 4.51 1.52
C ALA A 33 -9.54 5.47 0.35
N VAL A 34 -10.79 5.91 0.13
CA VAL A 34 -11.10 6.79 -0.98
C VAL A 34 -11.91 7.99 -0.50
N ASP A 35 -11.71 9.12 -1.16
CA ASP A 35 -12.50 10.32 -0.95
C ASP A 35 -13.48 10.43 -2.09
N CYS A 36 -14.75 10.12 -1.82
CA CYS A 36 -15.74 10.06 -2.89
C CYS A 36 -16.31 11.42 -3.24
N SER A 37 -15.72 12.49 -2.72
CA SER A 37 -16.03 13.85 -3.12
C SER A 37 -15.03 14.43 -4.11
N THR A 38 -14.05 13.65 -4.55
CA THR A 38 -12.96 14.19 -5.37
C THR A 38 -12.31 13.05 -6.14
N LEU A 39 -11.55 13.41 -7.17
CA LEU A 39 -10.93 12.42 -8.04
C LEU A 39 -9.95 11.55 -7.27
N THR A 40 -9.98 10.25 -7.54
CA THR A 40 -9.07 9.30 -6.94
C THR A 40 -7.78 9.20 -7.77
N SER A 41 -6.68 8.86 -7.09
CA SER A 41 -5.37 8.82 -7.74
C SER A 41 -5.33 7.86 -8.92
N LYS A 42 -4.60 8.26 -9.96
CA LYS A 42 -4.42 7.39 -11.12
C LYS A 42 -3.71 6.08 -10.75
N CYS A 43 -2.79 6.12 -9.78
CA CYS A 43 -2.10 4.90 -9.35
C CYS A 43 -3.09 3.91 -8.76
N LEU A 44 -3.97 4.38 -7.89
CA LEU A 44 -4.95 3.48 -7.28
C LEU A 44 -5.93 2.97 -8.32
N LEU A 45 -6.34 3.83 -9.27
CA LEU A 45 -7.25 3.36 -10.31
C LEU A 45 -6.58 2.33 -11.21
N LEU A 46 -5.27 2.45 -11.44
CA LEU A 46 -4.58 1.42 -12.19
C LEU A 46 -4.54 0.12 -11.41
N LYS A 47 -4.32 0.19 -10.09
CA LYS A 47 -4.37 -1.02 -9.28
C LYS A 47 -5.75 -1.66 -9.36
N ALA A 48 -6.80 -0.85 -9.37
CA ALA A 48 -8.16 -1.38 -9.52
C ALA A 48 -8.36 -2.01 -10.89
N ARG A 49 -7.77 -1.44 -11.93
CA ARG A 49 -8.00 -1.94 -13.28
C ARG A 49 -7.20 -3.21 -13.57
N MET A 50 -6.00 -3.34 -12.98
CA MET A 50 -5.12 -4.48 -13.36
C MET A 50 -5.09 -5.61 -12.32
N SER A 51 -5.99 -5.60 -11.34
CA SER A 51 -6.06 -6.73 -10.40
C SER A 51 -6.35 -8.02 -11.16
N ALA A 52 -5.61 -9.08 -10.83
CA ALA A 52 -5.58 -10.29 -11.63
C ALA A 52 -6.17 -11.47 -10.88
N PRO A 53 -7.29 -12.04 -11.33
CA PRO A 53 -7.82 -13.25 -10.68
C PRO A 53 -6.86 -14.43 -10.65
N LYS A 54 -6.04 -14.61 -11.69
CA LYS A 54 -5.08 -15.73 -11.80
C LYS A 54 -5.75 -17.10 -11.64
N ASN A 55 -6.84 -17.31 -12.37
CA ASN A 55 -7.52 -18.59 -12.45
C ASN A 55 -7.24 -19.25 -13.79
N ALA A 56 -6.99 -20.57 -13.77
CA ALA A 56 -6.62 -21.29 -14.98
C ALA A 56 -7.45 -22.55 -15.20
N ARG A 57 -8.59 -22.68 -14.52
CA ARG A 57 -9.37 -23.91 -14.61
C ARG A 57 -9.94 -24.10 -16.02
N THR A 58 -10.59 -23.06 -16.55
CA THR A 58 -11.05 -23.07 -17.94
C THR A 58 -10.17 -22.21 -18.85
N LEU A 59 -9.19 -21.51 -18.28
CA LEU A 59 -8.37 -20.57 -19.03
C LEU A 59 -7.01 -21.18 -19.38
N VAL A 60 -6.40 -20.64 -20.43
CA VAL A 60 -5.06 -21.02 -20.88
C VAL A 60 -4.13 -19.84 -20.63
N ARG A 61 -2.81 -20.16 -20.40
CA ARG A 61 -1.78 -19.17 -20.11
C ARG A 61 -0.90 -18.94 -21.34
N PRO A 62 -0.31 -17.74 -21.46
CA PRO A 62 0.52 -17.45 -22.62
C PRO A 62 1.75 -18.33 -22.68
N SER A 63 2.18 -18.64 -23.90
CA SER A 63 3.39 -19.43 -24.09
C SER A 63 4.60 -18.67 -23.60
N GLU A 64 5.63 -19.42 -23.20
CA GLU A 64 6.82 -18.81 -22.61
C GLU A 64 7.53 -17.89 -23.60
N HIS A 65 7.38 -18.15 -24.90
CA HIS A 65 8.01 -17.36 -25.94
C HIS A 65 7.14 -16.20 -26.43
N ALA A 66 5.96 -16.00 -25.85
CA ALA A 66 5.02 -14.99 -26.34
C ALA A 66 5.44 -13.58 -25.94
N LEU A 67 5.02 -12.62 -26.77
CA LEU A 67 5.14 -11.19 -26.53
C LEU A 67 3.75 -10.60 -26.33
N VAL A 68 3.69 -9.44 -25.67
CA VAL A 68 2.43 -8.88 -25.21
C VAL A 68 2.32 -7.40 -25.56
N ASP A 69 1.13 -7.00 -26.04
CA ASP A 69 0.71 -5.61 -26.09
C ASP A 69 -0.02 -5.31 -24.79
N ASN A 70 0.65 -4.61 -23.87
CA ASN A 70 0.07 -4.27 -22.54
C ASN A 70 -0.54 -2.87 -22.54
N ASP A 71 -0.29 -2.06 -23.57
CA ASP A 71 -0.74 -0.64 -23.57
C ASP A 71 0.07 0.06 -22.50
N GLY A 72 1.16 -0.56 -22.06
CA GLY A 72 1.89 0.02 -20.95
C GLY A 72 1.17 -0.09 -19.62
N LEU A 73 0.13 -0.91 -19.56
CA LEU A 73 -0.65 -1.09 -18.35
C LEU A 73 -0.08 -2.21 -17.48
N TYR A 74 -0.16 -2.02 -16.17
CA TYR A 74 0.36 -2.99 -15.21
C TYR A 74 -0.20 -2.63 -13.83
N ASP A 75 -0.05 -3.55 -12.88
CA ASP A 75 -0.49 -3.29 -11.52
C ASP A 75 0.64 -2.58 -10.77
N PRO A 76 0.45 -1.31 -10.40
CA PRO A 76 1.57 -0.53 -9.87
C PRO A 76 1.62 -0.44 -8.36
N ASP A 77 2.77 -0.02 -7.85
CA ASP A 77 2.97 0.23 -6.44
C ASP A 77 2.64 1.68 -6.12
N CYS A 78 1.79 1.89 -5.13
CA CYS A 78 1.42 3.23 -4.71
C CYS A 78 1.85 3.46 -3.26
N ASP A 79 2.21 4.70 -2.95
CA ASP A 79 2.59 5.09 -1.59
C ASP A 79 1.32 5.38 -0.78
N PRO A 80 1.46 5.59 0.53
CA PRO A 80 0.26 5.81 1.36
C PRO A 80 -0.60 6.97 0.90
N GLU A 81 -0.02 7.98 0.25
CA GLU A 81 -0.81 9.08 -0.28
C GLU A 81 -1.43 8.78 -1.64
N GLY A 82 -1.27 7.56 -2.15
CA GLY A 82 -1.84 7.17 -3.43
C GLY A 82 -1.02 7.57 -4.63
N ARG A 83 0.11 8.23 -4.44
CA ARG A 83 1.03 8.53 -5.52
C ARG A 83 1.70 7.26 -6.01
N PHE A 84 2.15 7.28 -7.25
CA PHE A 84 3.04 6.23 -7.71
C PHE A 84 4.31 6.23 -6.85
N LYS A 85 4.76 5.04 -6.47
CA LYS A 85 6.13 4.93 -5.98
C LYS A 85 7.07 5.22 -7.14
N ALA A 86 8.18 5.89 -6.83
CA ALA A 86 9.09 6.33 -7.90
C ALA A 86 9.60 5.15 -8.71
N ARG A 87 9.84 4.02 -8.03
CA ARG A 87 10.40 2.80 -8.67
C ARG A 87 9.28 1.79 -8.90
N GLN A 88 9.29 1.10 -10.04
CA GLN A 88 8.26 0.14 -10.37
C GLN A 88 8.90 -1.10 -10.95
N CYS A 89 8.37 -2.26 -10.59
CA CYS A 89 8.94 -3.53 -11.00
C CYS A 89 7.85 -4.43 -11.53
N GLN A 90 8.26 -5.25 -12.49
CA GLN A 90 7.33 -6.27 -13.01
C GLN A 90 8.19 -7.49 -13.27
N GLN A 91 7.58 -8.67 -13.33
CA GLN A 91 8.33 -9.92 -13.58
C GLN A 91 9.37 -10.05 -12.47
N THR A 92 9.13 -9.40 -11.33
CA THR A 92 10.02 -9.50 -10.15
C THR A 92 11.39 -8.87 -10.40
N SER A 93 12.00 -9.07 -11.57
CA SER A 93 13.39 -8.61 -11.80
C SER A 93 13.48 -7.38 -12.71
N VAL A 94 12.52 -7.14 -13.60
CA VAL A 94 12.58 -5.94 -14.43
C VAL A 94 12.09 -4.73 -13.62
N CYS A 95 12.83 -3.62 -13.66
CA CYS A 95 12.49 -2.47 -12.83
C CYS A 95 12.93 -1.16 -13.49
N TRP A 96 12.20 -0.09 -13.20
CA TRP A 96 12.46 1.21 -13.80
C TRP A 96 11.92 2.32 -12.89
N CYS A 97 12.20 3.55 -13.28
CA CYS A 97 11.59 4.71 -12.64
C CYS A 97 10.39 5.20 -13.45
N VAL A 98 9.50 5.93 -12.77
CA VAL A 98 8.32 6.52 -13.40
C VAL A 98 8.18 7.96 -12.94
N ASN A 99 7.37 8.72 -13.66
CA ASN A 99 7.01 10.07 -13.26
C ASN A 99 5.67 10.06 -12.52
N SER A 100 5.21 11.26 -12.16
CA SER A 100 4.02 11.41 -11.34
C SER A 100 2.75 10.90 -12.01
N VAL A 101 2.78 10.65 -13.33
CA VAL A 101 1.65 10.04 -14.01
C VAL A 101 1.88 8.56 -14.31
N GLY A 102 2.96 7.99 -13.78
CA GLY A 102 3.22 6.56 -13.86
C GLY A 102 3.92 6.07 -15.12
N VAL A 103 4.26 6.97 -16.04
CA VAL A 103 4.90 6.59 -17.29
C VAL A 103 6.38 6.34 -17.07
N ARG A 104 6.94 5.39 -17.82
CA ARG A 104 8.36 5.04 -17.67
C ARG A 104 9.24 6.14 -18.26
N ARG A 105 10.18 6.60 -17.52
CA ARG A 105 11.06 7.71 -17.92
C ARG A 105 12.53 7.31 -17.84
N THR A 106 12.84 6.02 -17.68
CA THR A 106 14.21 5.52 -17.71
C THR A 106 14.24 4.18 -18.40
N ASP A 107 15.45 3.75 -18.73
CA ASP A 107 15.63 2.42 -19.30
C ASP A 107 15.40 1.34 -18.24
N LYS A 108 14.86 0.21 -18.69
CA LYS A 108 14.60 -0.88 -17.77
C LYS A 108 15.91 -1.39 -17.18
N GLY A 109 15.87 -1.67 -15.87
CA GLY A 109 17.03 -2.19 -15.16
C GLY A 109 16.70 -3.44 -14.37
N ASP A 110 17.49 -3.72 -13.34
CA ASP A 110 17.27 -4.88 -12.49
C ASP A 110 16.84 -4.41 -11.10
N LEU A 111 16.86 -5.33 -10.14
CA LEU A 111 16.40 -5.01 -8.80
C LEU A 111 17.37 -4.12 -8.04
N SER A 112 18.54 -3.84 -8.61
CA SER A 112 19.50 -2.91 -8.01
C SER A 112 19.22 -1.45 -8.35
N LEU A 113 18.30 -1.17 -9.26
CA LEU A 113 18.06 0.20 -9.69
C LEU A 113 17.50 1.04 -8.54
N ARG A 114 18.03 2.26 -8.40
CA ARG A 114 17.52 3.23 -7.44
C ARG A 114 16.95 4.43 -8.18
N CYS A 115 15.80 4.92 -7.73
CA CYS A 115 15.19 6.13 -8.26
C CYS A 115 15.19 7.18 -7.15
N ASP A 116 15.84 8.32 -7.40
CA ASP A 116 16.04 9.30 -6.33
C ASP A 116 14.73 9.91 -5.87
N GLU A 117 13.85 10.28 -6.80
CA GLU A 117 12.65 11.02 -6.46
C GLU A 117 11.58 10.73 -7.50
N LEU A 118 10.35 11.11 -7.18
CA LEU A 118 9.24 11.05 -8.13
C LEU A 118 9.26 12.32 -8.96
N VAL A 119 9.77 12.24 -10.19
CA VAL A 119 9.83 13.41 -11.06
C VAL A 119 8.43 13.88 -11.39
N ARG A 120 8.20 15.17 -11.26
CA ARG A 120 6.87 15.74 -11.45
C ARG A 120 6.53 15.83 -12.93
N THR A 121 5.33 15.35 -13.31
CA THR A 121 4.79 15.60 -14.64
C THR A 121 4.01 16.91 -14.56
N HIS A 122 4.64 18.01 -14.99
CA HIS A 122 4.04 19.32 -14.85
C HIS A 122 3.24 19.76 -16.08
N HIS A 123 3.37 19.09 -17.23
CA HIS A 123 2.66 19.54 -18.41
C HIS A 123 2.00 18.35 -19.10
N ILE A 124 0.78 18.55 -19.60
CA ILE A 124 0.07 17.51 -20.33
C ILE A 124 -0.63 18.14 -21.53
N LEU A 125 -0.52 17.47 -22.66
CA LEU A 125 -1.18 17.86 -23.90
C LEU A 125 -2.15 16.76 -24.30
N ILE A 126 -3.43 17.11 -24.39
CA ILE A 126 -4.47 16.17 -24.80
C ILE A 126 -4.91 16.57 -26.19
N ASP A 127 -4.61 15.73 -27.17
CA ASP A 127 -4.92 15.96 -28.57
C ASP A 127 -6.08 15.05 -28.94
N LEU A 128 -7.25 15.63 -29.12
CA LEU A 128 -8.42 14.94 -29.62
C LEU A 128 -8.60 15.24 -31.09
N ARG A 129 -9.10 14.25 -31.82
CA ARG A 129 -9.52 14.42 -33.20
C ARG A 129 -10.99 13.99 -33.25
N HIS A 130 -11.87 14.95 -33.53
CA HIS A 130 -13.30 14.75 -33.45
C HIS A 130 -13.88 14.30 -34.78
N ARG A 131 -15.00 13.57 -34.70
CA ARG A 131 -15.62 13.00 -35.87
C ARG A 131 -16.12 14.14 -36.75
N PRO A 132 -15.71 14.23 -38.01
CA PRO A 132 -15.96 15.46 -38.77
C PRO A 132 -17.44 15.75 -38.92
N THR A 133 -17.77 17.03 -38.86
CA THR A 133 -19.12 17.54 -39.01
C THR A 133 -19.11 18.54 -40.16
N ALA A 134 -20.32 18.94 -40.59
CA ALA A 134 -20.41 19.82 -41.75
C ALA A 134 -19.71 21.16 -41.49
N GLY A 135 -19.91 21.71 -40.30
CA GLY A 135 -19.29 22.99 -39.96
C GLY A 135 -18.56 22.90 -38.64
N ALA A 136 -17.53 23.73 -38.52
CA ALA A 136 -16.73 23.77 -37.31
C ALA A 136 -17.51 24.39 -36.15
N PHE A 137 -17.18 23.96 -34.94
CA PHE A 137 -17.77 24.53 -33.74
C PHE A 137 -17.26 25.96 -33.54
N ASN A 138 -18.06 26.77 -32.86
CA ASN A 138 -17.59 28.13 -32.45
C ASN A 138 -16.42 27.96 -31.49
N HIS A 139 -15.27 28.55 -31.83
CA HIS A 139 -14.07 28.35 -31.02
C HIS A 139 -14.31 28.83 -29.59
N SER A 140 -15.06 29.92 -29.42
CA SER A 140 -15.35 30.41 -28.08
C SER A 140 -16.24 29.43 -27.32
N ASP A 141 -17.27 28.88 -27.98
CA ASP A 141 -18.16 27.96 -27.29
C ASP A 141 -17.45 26.65 -26.95
N LEU A 142 -16.63 26.14 -27.88
CA LEU A 142 -15.88 24.93 -27.59
C LEU A 142 -14.91 25.14 -26.44
N ASP A 143 -14.25 26.30 -26.42
CA ASP A 143 -13.30 26.60 -25.35
C ASP A 143 -14.03 26.69 -24.01
N ALA A 144 -15.20 27.34 -24.00
CA ALA A 144 -15.95 27.49 -22.75
C ALA A 144 -16.45 26.15 -22.25
N GLU A 145 -16.88 25.27 -23.16
CA GLU A 145 -17.39 23.98 -22.73
C GLU A 145 -16.27 23.11 -22.19
N LEU A 146 -15.10 23.11 -22.84
CA LEU A 146 -13.99 22.34 -22.30
C LEU A 146 -13.53 22.87 -20.94
N ARG A 147 -13.59 24.20 -20.76
CA ARG A 147 -13.15 24.75 -19.49
C ARG A 147 -14.12 24.42 -18.36
N ARG A 148 -15.45 24.52 -18.60
CA ARG A 148 -16.39 24.12 -17.55
C ARG A 148 -16.39 22.62 -17.35
N LEU A 149 -16.06 21.85 -18.39
CA LEU A 149 -15.92 20.42 -18.21
C LEU A 149 -14.82 20.12 -17.20
N PHE A 150 -13.65 20.73 -17.38
CA PHE A 150 -12.60 20.48 -16.41
C PHE A 150 -12.86 21.15 -15.07
N ARG A 151 -13.68 22.20 -15.03
CA ARG A 151 -13.96 22.85 -13.75
C ARG A 151 -14.95 22.07 -12.91
N GLU A 152 -15.99 21.53 -13.54
CA GLU A 152 -17.12 20.94 -12.82
C GLU A 152 -17.04 19.43 -12.72
N ARG A 153 -16.80 18.74 -13.84
CA ARG A 153 -16.81 17.29 -13.81
C ARG A 153 -15.55 16.72 -13.16
N TYR A 154 -14.39 17.20 -13.57
CA TYR A 154 -13.11 16.72 -13.04
C TYR A 154 -12.57 17.57 -11.91
N ARG A 155 -13.29 18.62 -11.53
CA ARG A 155 -13.00 19.41 -10.32
C ARG A 155 -11.58 19.98 -10.33
N LEU A 156 -11.08 20.28 -11.52
CA LEU A 156 -9.77 20.89 -11.65
C LEU A 156 -9.91 22.41 -11.65
N HIS A 157 -9.02 23.08 -10.91
CA HIS A 157 -9.12 24.53 -10.82
C HIS A 157 -8.85 25.15 -12.19
N PRO A 158 -9.54 26.23 -12.54
CA PRO A 158 -9.35 26.83 -13.87
C PRO A 158 -7.91 27.25 -14.16
N LYS A 159 -7.16 27.66 -13.14
CA LYS A 159 -5.80 28.12 -13.39
C LYS A 159 -4.87 27.02 -13.89
N PHE A 160 -5.27 25.75 -13.78
CA PHE A 160 -4.41 24.68 -14.27
C PHE A 160 -4.70 24.31 -15.73
N VAL A 161 -5.72 24.90 -16.35
CA VAL A 161 -5.95 24.75 -17.78
C VAL A 161 -5.19 25.88 -18.48
N ALA A 162 -4.08 25.54 -19.12
CA ALA A 162 -3.22 26.56 -19.72
C ALA A 162 -3.78 27.06 -21.04
N ALA A 163 -4.26 26.14 -21.88
CA ALA A 163 -4.70 26.59 -23.20
C ALA A 163 -5.67 25.59 -23.83
N VAL A 164 -6.45 26.09 -24.79
CA VAL A 164 -7.36 25.28 -25.59
C VAL A 164 -7.18 25.69 -27.04
N HIS A 165 -6.75 24.76 -27.89
CA HIS A 165 -6.54 25.02 -29.31
C HIS A 165 -7.54 24.25 -30.15
N TYR A 166 -7.92 24.85 -31.28
CA TYR A 166 -8.85 24.20 -32.19
C TYR A 166 -8.46 24.54 -33.63
N GLU A 167 -8.26 23.49 -34.43
CA GLU A 167 -8.03 23.61 -35.88
C GLU A 167 -8.70 22.38 -36.48
N GLN A 168 -9.97 22.55 -36.92
CA GLN A 168 -10.81 21.40 -37.28
C GLN A 168 -10.03 20.38 -38.09
N PRO A 169 -10.11 19.08 -37.76
CA PRO A 169 -10.95 18.55 -36.68
C PRO A 169 -10.20 18.29 -35.37
N THR A 170 -9.08 18.96 -35.13
CA THR A 170 -8.26 18.70 -33.96
C THR A 170 -8.57 19.68 -32.84
N ILE A 171 -8.88 19.14 -31.66
CA ILE A 171 -9.01 19.88 -30.42
C ILE A 171 -7.80 19.56 -29.58
N GLN A 172 -7.32 20.54 -28.81
CA GLN A 172 -6.15 20.34 -27.96
C GLN A 172 -6.41 21.03 -26.64
N ILE A 173 -6.13 20.33 -25.54
CA ILE A 173 -6.22 20.89 -24.20
C ILE A 173 -4.84 20.79 -23.56
N GLU A 174 -4.39 21.90 -23.00
CA GLU A 174 -3.04 22.04 -22.49
C GLU A 174 -3.14 22.35 -21.00
N LEU A 175 -2.78 21.37 -20.17
CA LEU A 175 -2.81 21.48 -18.72
C LEU A 175 -1.39 21.68 -18.19
N ARG A 176 -1.24 22.59 -17.23
CA ARG A 176 0.05 22.88 -16.64
C ARG A 176 -0.11 23.01 -15.14
N GLN A 177 0.80 22.36 -14.39
CA GLN A 177 0.72 22.32 -12.93
C GLN A 177 2.08 21.86 -12.41
N GLN A 178 2.98 22.82 -12.23
CA GLN A 178 4.30 22.55 -11.68
C GLN A 178 4.19 22.26 -10.18
N THR A 179 5.27 21.72 -9.62
CA THR A 179 5.25 21.39 -8.19
C THR A 179 4.99 22.61 -7.33
N SER A 180 5.56 23.76 -7.72
CA SER A 180 5.39 24.99 -6.96
C SER A 180 3.98 25.55 -7.03
N GLN A 181 3.17 25.09 -7.97
CA GLN A 181 1.83 25.71 -8.16
C GLN A 181 0.72 24.87 -7.55
N LYS A 182 1.05 23.73 -6.97
CA LYS A 182 0.02 22.81 -6.48
C LYS A 182 -0.03 22.85 -4.96
N ALA A 183 -1.06 23.51 -4.42
CA ALA A 183 -1.35 23.41 -3.01
C ALA A 183 -1.99 22.07 -2.70
N ALA A 184 -1.85 21.64 -1.44
CA ALA A 184 -2.49 20.41 -1.01
C ALA A 184 -4.00 20.56 -1.11
N GLY A 185 -4.66 19.49 -1.56
CA GLY A 185 -6.08 19.51 -1.82
C GLY A 185 -6.46 19.90 -3.23
N ASP A 186 -5.52 20.41 -4.02
CA ASP A 186 -5.77 20.57 -5.44
C ASP A 186 -5.85 19.20 -6.10
N VAL A 187 -6.83 19.05 -7.00
CA VAL A 187 -6.81 17.93 -7.94
C VAL A 187 -5.59 18.05 -8.84
N ASP A 188 -4.96 16.93 -9.13
CA ASP A 188 -3.77 16.92 -9.96
C ASP A 188 -4.15 16.79 -11.42
N ILE A 189 -3.39 17.48 -12.30
CA ILE A 189 -3.73 17.48 -13.72
C ILE A 189 -3.62 16.08 -14.31
N GLY A 190 -2.72 15.24 -13.79
CA GLY A 190 -2.64 13.87 -14.29
C GLY A 190 -3.89 13.08 -14.01
N ASP A 191 -4.50 13.31 -12.84
CA ASP A 191 -5.74 12.61 -12.51
C ASP A 191 -6.91 13.14 -13.32
N ALA A 192 -6.97 14.46 -13.53
CA ALA A 192 -8.04 15.00 -14.37
C ALA A 192 -7.91 14.48 -15.79
N ALA A 193 -6.67 14.35 -16.28
CA ALA A 193 -6.46 13.78 -17.61
C ALA A 193 -6.89 12.33 -17.66
N TYR A 194 -6.59 11.56 -16.61
CA TYR A 194 -6.96 10.14 -16.64
C TYR A 194 -8.48 9.97 -16.63
N TYR A 195 -9.18 10.77 -15.82
CA TYR A 195 -10.63 10.68 -15.82
C TYR A 195 -11.19 11.09 -17.18
N PHE A 196 -10.61 12.13 -17.79
CA PHE A 196 -11.06 12.56 -19.10
C PHE A 196 -10.89 11.45 -20.12
N GLU A 197 -9.71 10.82 -20.15
CA GLU A 197 -9.48 9.77 -21.12
C GLU A 197 -10.44 8.61 -20.90
N ARG A 198 -10.69 8.23 -19.64
CA ARG A 198 -11.64 7.14 -19.39
C ARG A 198 -13.05 7.52 -19.82
N ASP A 199 -13.46 8.77 -19.59
CA ASP A 199 -14.77 9.23 -20.04
C ASP A 199 -14.89 9.09 -21.55
N ILE A 200 -13.87 9.57 -22.28
CA ILE A 200 -13.93 9.61 -23.73
C ILE A 200 -14.05 8.21 -24.31
N LYS A 201 -13.37 7.24 -23.70
CA LYS A 201 -13.33 5.89 -24.23
C LYS A 201 -14.52 5.05 -23.79
N GLY A 202 -15.56 5.67 -23.23
CA GLY A 202 -16.74 4.94 -22.81
C GLY A 202 -16.62 4.21 -21.49
N GLU A 203 -15.56 4.48 -20.73
CA GLU A 203 -15.35 3.84 -19.43
C GLU A 203 -15.33 4.91 -18.34
N SER A 204 -16.43 5.65 -18.21
CA SER A 204 -16.50 6.71 -17.20
C SER A 204 -16.27 6.15 -15.81
N LEU A 205 -15.49 6.85 -14.99
CA LEU A 205 -15.21 6.38 -13.64
C LEU A 205 -16.28 6.76 -12.63
N PHE A 206 -17.26 7.58 -13.01
CA PHE A 206 -18.24 8.07 -12.04
C PHE A 206 -19.31 7.03 -11.75
N GLN A 207 -19.89 7.13 -10.55
CA GLN A 207 -20.98 6.27 -10.11
C GLN A 207 -22.22 7.13 -9.89
N GLY A 208 -22.91 7.43 -10.99
CA GLY A 208 -24.15 8.20 -10.94
C GLY A 208 -24.17 9.44 -11.79
N ARG A 209 -23.05 9.88 -12.36
CA ARG A 209 -23.03 10.92 -13.38
C ARG A 209 -23.28 10.35 -14.77
N GLY A 210 -23.51 9.05 -14.88
CA GLY A 210 -23.69 8.42 -16.18
C GLY A 210 -22.42 8.34 -16.99
N GLY A 211 -22.41 9.03 -18.12
CA GLY A 211 -21.24 9.07 -18.99
C GLY A 211 -21.04 10.47 -19.55
N LEU A 212 -19.97 10.61 -20.32
CA LEU A 212 -19.64 11.89 -20.94
C LEU A 212 -20.40 12.01 -22.26
N ASP A 213 -21.26 13.02 -22.35
CA ASP A 213 -21.99 13.33 -23.58
C ASP A 213 -21.67 14.77 -23.94
N LEU A 214 -20.53 14.96 -24.61
CA LEU A 214 -20.06 16.31 -24.92
C LEU A 214 -21.01 17.01 -25.88
N ARG A 215 -21.34 18.26 -25.57
CA ARG A 215 -22.28 19.04 -26.35
C ARG A 215 -21.78 20.48 -26.39
N VAL A 216 -21.51 20.97 -27.58
CA VAL A 216 -21.16 22.38 -27.81
C VAL A 216 -22.32 23.00 -28.57
N ARG A 217 -22.95 24.02 -27.98
CA ARG A 217 -24.15 24.63 -28.53
C ARG A 217 -25.25 23.59 -28.75
N GLY A 218 -25.22 22.51 -27.97
CA GLY A 218 -26.15 21.42 -28.10
C GLY A 218 -25.76 20.38 -29.12
N GLU A 219 -24.80 20.67 -30.00
CA GLU A 219 -24.43 19.69 -31.00
C GLU A 219 -23.54 18.61 -30.37
N PRO A 220 -23.75 17.34 -30.71
CA PRO A 220 -22.88 16.30 -30.21
C PRO A 220 -21.45 16.49 -30.68
N LEU A 221 -20.51 16.19 -29.80
CA LEU A 221 -19.08 16.17 -30.11
C LEU A 221 -18.59 14.76 -29.85
N GLN A 222 -18.14 14.08 -30.89
CA GLN A 222 -17.69 12.70 -30.78
C GLN A 222 -16.22 12.63 -31.12
N VAL A 223 -15.41 12.17 -30.18
CA VAL A 223 -13.97 12.06 -30.35
C VAL A 223 -13.66 10.75 -31.06
N GLU A 224 -13.05 10.85 -32.24
CA GLU A 224 -12.60 9.67 -32.97
C GLU A 224 -11.24 9.18 -32.51
N ARG A 225 -10.38 10.12 -32.07
CA ARG A 225 -9.01 9.72 -31.71
C ARG A 225 -8.51 10.56 -30.55
N THR A 226 -7.73 9.93 -29.65
CA THR A 226 -7.20 10.62 -28.49
C THR A 226 -5.75 10.25 -28.30
N LEU A 227 -4.94 11.26 -27.96
CA LEU A 227 -3.52 11.03 -27.67
C LEU A 227 -3.09 12.01 -26.60
N ILE A 228 -2.32 11.53 -25.64
CA ILE A 228 -1.95 12.32 -24.48
C ILE A 228 -0.44 12.27 -24.33
N TYR A 229 0.16 13.44 -24.15
CA TYR A 229 1.61 13.59 -24.07
C TYR A 229 1.96 14.23 -22.75
N TYR A 230 2.95 13.66 -22.06
CA TYR A 230 3.33 14.08 -20.73
C TYR A 230 4.73 14.67 -20.75
N LEU A 231 4.89 15.83 -20.10
CA LEU A 231 6.17 16.53 -20.04
C LEU A 231 6.54 16.73 -18.57
N ASP A 232 7.72 16.24 -18.19
CA ASP A 232 8.22 16.23 -16.83
C ASP A 232 9.19 17.38 -16.58
N GLU A 233 9.34 17.75 -15.31
CA GLU A 233 10.22 18.84 -14.93
C GLU A 233 11.69 18.50 -15.12
N ILE A 234 12.01 17.23 -15.28
CA ILE A 234 13.38 16.78 -15.57
C ILE A 234 13.30 15.89 -16.79
N PRO A 235 14.18 16.08 -17.79
CA PRO A 235 14.04 15.31 -19.02
C PRO A 235 14.26 13.82 -18.77
N PRO A 236 13.58 12.97 -19.54
CA PRO A 236 13.76 11.53 -19.38
C PRO A 236 15.21 11.11 -19.63
N LYS A 237 15.65 10.10 -18.88
CA LYS A 237 17.01 9.61 -18.96
C LYS A 237 17.02 8.24 -19.63
N PHE A 238 16.82 8.23 -20.95
CA PHE A 238 16.97 7.00 -21.74
C PHE A 238 18.44 6.79 -22.14
N ASP B 2 3.18 0.28 56.28
CA ASP B 2 3.19 1.55 57.04
C ASP B 2 4.61 1.85 57.52
N ASN B 3 5.17 3.00 57.16
CA ASN B 3 6.54 3.44 57.56
C ASN B 3 7.60 2.57 56.91
N CYS B 4 7.48 1.25 57.02
CA CYS B 4 8.44 0.38 56.31
C CYS B 4 8.04 0.39 54.84
N THR B 5 8.44 1.41 54.12
CA THR B 5 8.13 1.52 52.68
C THR B 5 9.38 1.82 51.89
N CYS B 6 9.33 1.63 50.59
CA CYS B 6 10.41 1.94 49.66
C CYS B 6 9.86 2.90 48.62
N PRO B 7 9.81 4.19 48.92
CA PRO B 7 9.02 5.14 48.10
C PRO B 7 9.40 5.16 46.63
N THR B 8 10.67 4.97 46.30
CA THR B 8 11.12 4.95 44.91
C THR B 8 11.01 3.58 44.24
N ASN B 9 10.57 2.53 44.94
CA ASN B 9 10.56 1.20 44.34
C ASN B 9 9.57 0.31 45.08
N LYS B 10 8.44 0.01 44.44
CA LYS B 10 7.42 -0.87 45.05
C LYS B 10 7.77 -2.35 44.82
N MET B 11 8.70 -2.63 43.89
CA MET B 11 9.05 -4.02 43.63
C MET B 11 10.04 -4.53 44.68
N THR B 12 9.66 -4.41 45.95
CA THR B 12 10.52 -4.68 47.08
C THR B 12 9.71 -5.33 48.19
N VAL B 13 10.41 -5.95 49.13
CA VAL B 13 9.83 -6.35 50.41
C VAL B 13 10.51 -5.56 51.51
N CYS B 14 9.71 -4.97 52.37
CA CYS B 14 10.28 -4.10 53.42
C CYS B 14 9.69 -4.48 54.77
N SER B 15 10.53 -4.93 55.70
CA SER B 15 10.05 -5.38 57.03
C SER B 15 10.84 -4.71 58.15
N PRO B 16 10.18 -4.26 59.24
CA PRO B 16 10.90 -3.68 60.37
C PRO B 16 11.58 -4.73 61.24
N ASP B 17 12.38 -5.62 60.67
CA ASP B 17 13.03 -6.71 61.39
C ASP B 17 14.55 -6.51 61.51
N GLY B 18 15.04 -5.30 61.31
CA GLY B 18 16.46 -5.02 61.46
C GLY B 18 16.82 -4.64 62.88
N PRO B 19 18.08 -4.29 63.12
CA PRO B 19 18.47 -3.84 64.46
C PRO B 19 17.66 -2.62 64.87
N GLY B 20 17.14 -2.65 66.09
CA GLY B 20 16.28 -1.57 66.53
C GLY B 20 14.93 -1.50 65.86
N GLY B 21 14.61 -2.50 65.04
CA GLY B 21 13.37 -2.43 64.25
C GLY B 21 13.58 -1.64 62.98
N ARG B 22 14.78 -1.68 62.43
CA ARG B 22 15.12 -0.89 61.23
C ARG B 22 14.37 -1.44 60.02
N CYS B 23 13.86 -0.55 59.16
CA CYS B 23 13.21 -1.01 57.93
C CYS B 23 14.29 -1.57 57.02
N GLN B 24 14.19 -2.85 56.72
CA GLN B 24 15.17 -3.49 55.82
C GLN B 24 14.43 -3.92 54.57
N CYS B 25 14.90 -3.48 53.40
CA CYS B 25 14.17 -3.78 52.16
C CYS B 25 15.01 -4.64 51.24
N ARG B 26 14.36 -5.39 50.38
CA ARG B 26 15.02 -6.31 49.46
C ARG B 26 14.34 -6.21 48.11
N ALA B 27 15.14 -6.29 47.04
CA ALA B 27 14.63 -6.24 45.69
C ALA B 27 14.02 -7.58 45.29
N LEU B 28 12.76 -7.56 44.84
CA LEU B 28 12.16 -8.78 44.33
C LEU B 28 12.87 -9.25 43.07
N GLY B 29 13.03 -10.56 42.94
CA GLY B 29 13.57 -11.17 41.75
C GLY B 29 15.07 -11.21 41.70
N SER B 30 15.76 -10.54 42.60
CA SER B 30 17.22 -10.48 42.58
C SER B 30 17.86 -10.54 43.96
N GLY B 31 17.18 -10.06 45.00
CA GLY B 31 17.75 -10.04 46.33
C GLY B 31 18.70 -8.90 46.58
N MET B 32 18.87 -8.01 45.61
CA MET B 32 19.83 -6.93 45.70
C MET B 32 19.34 -5.87 46.67
N ALA B 33 20.29 -5.15 47.25
CA ALA B 33 19.94 -4.00 48.08
C ALA B 33 19.40 -2.88 47.20
N VAL B 34 18.58 -2.02 47.79
CA VAL B 34 17.94 -0.92 47.08
C VAL B 34 18.08 0.35 47.90
N ASP B 35 18.28 1.47 47.20
CA ASP B 35 18.27 2.79 47.80
C ASP B 35 16.87 3.34 47.63
N CYS B 36 16.11 3.42 48.72
CA CYS B 36 14.71 3.80 48.62
C CYS B 36 14.51 5.30 48.55
N SER B 37 15.59 6.07 48.44
CA SER B 37 15.48 7.51 48.22
C SER B 37 15.92 7.94 46.81
N THR B 38 16.15 6.98 45.90
CA THR B 38 16.53 7.29 44.53
C THR B 38 16.07 6.18 43.61
N LEU B 39 16.08 6.46 42.30
CA LEU B 39 15.62 5.48 41.33
C LEU B 39 16.47 4.22 41.36
N THR B 40 15.82 3.07 41.29
CA THR B 40 16.50 1.80 41.15
C THR B 40 16.90 1.56 39.70
N SER B 41 18.01 0.86 39.50
CA SER B 41 18.50 0.65 38.14
C SER B 41 17.52 -0.19 37.33
N LYS B 42 17.51 0.05 36.02
CA LYS B 42 16.60 -0.64 35.13
C LYS B 42 16.84 -2.16 35.14
N CYS B 43 18.10 -2.59 35.29
CA CYS B 43 18.39 -4.02 35.27
C CYS B 43 17.72 -4.74 36.45
N LEU B 44 17.76 -4.13 37.62
CA LEU B 44 17.14 -4.75 38.77
C LEU B 44 15.62 -4.78 38.65
N LEU B 45 15.03 -3.68 38.14
CA LEU B 45 13.58 -3.65 38.00
C LEU B 45 13.10 -4.64 36.95
N LEU B 46 13.89 -4.84 35.89
CA LEU B 46 13.56 -5.92 34.95
C LEU B 46 13.69 -7.29 35.61
N LYS B 47 14.65 -7.46 36.53
CA LYS B 47 14.71 -8.76 37.23
C LYS B 47 13.47 -8.96 38.10
N ALA B 48 12.99 -7.90 38.74
CA ALA B 48 11.75 -8.01 39.52
C ALA B 48 10.55 -8.31 38.64
N ARG B 49 10.56 -7.80 37.42
CA ARG B 49 9.39 -7.93 36.55
C ARG B 49 9.38 -9.25 35.80
N MET B 50 10.55 -9.79 35.47
CA MET B 50 10.69 -10.97 34.62
C MET B 50 10.97 -12.24 35.42
N SER B 51 10.75 -12.22 36.74
CA SER B 51 11.01 -13.39 37.54
C SER B 51 10.14 -14.55 37.05
N ALA B 52 10.77 -15.72 36.88
CA ALA B 52 10.12 -16.83 36.21
C ALA B 52 9.09 -17.48 37.14
N PRO B 53 7.86 -17.86 36.69
CA PRO B 53 6.91 -18.57 37.57
C PRO B 53 7.52 -19.85 38.14
N LYS B 54 8.33 -20.59 37.37
CA LYS B 54 9.00 -21.84 37.82
C LYS B 54 7.99 -22.97 37.96
N ASN B 55 6.96 -22.81 38.81
CA ASN B 55 5.96 -23.89 39.05
C ASN B 55 4.76 -23.69 38.13
N ALA B 56 4.37 -24.74 37.40
CA ALA B 56 3.23 -24.65 36.45
C ALA B 56 2.41 -25.93 36.51
N ARG B 57 1.57 -26.09 37.55
CA ARG B 57 0.78 -27.30 37.70
C ARG B 57 -0.36 -27.34 36.68
N THR B 58 -1.24 -26.34 36.71
CA THR B 58 -2.28 -26.27 35.67
C THR B 58 -1.86 -25.46 34.45
N LEU B 59 -0.77 -24.68 34.53
CA LEU B 59 -0.36 -23.85 33.41
C LEU B 59 0.32 -24.69 32.33
N VAL B 60 -0.04 -24.44 31.08
CA VAL B 60 0.55 -25.18 29.97
C VAL B 60 1.94 -24.62 29.68
N ARG B 61 2.83 -25.50 29.21
CA ARG B 61 4.20 -25.07 28.85
C ARG B 61 4.20 -24.61 27.38
N PRO B 62 4.83 -23.48 27.03
CA PRO B 62 4.90 -23.04 25.63
C PRO B 62 5.50 -24.13 24.75
N SER B 63 4.97 -24.25 23.53
CA SER B 63 5.47 -25.26 22.61
C SER B 63 6.87 -24.88 22.13
N GLU B 64 7.62 -25.91 21.71
CA GLU B 64 8.98 -25.68 21.21
C GLU B 64 8.96 -24.87 19.92
N HIS B 65 7.95 -25.08 19.08
CA HIS B 65 7.81 -24.31 17.84
C HIS B 65 7.09 -22.98 18.03
N ALA B 66 6.53 -22.74 19.22
CA ALA B 66 5.91 -21.46 19.47
C ALA B 66 6.95 -20.36 19.35
N LEU B 67 6.60 -19.29 18.63
CA LEU B 67 7.45 -18.13 18.52
C LEU B 67 7.11 -17.17 19.65
N VAL B 68 8.11 -16.78 20.41
CA VAL B 68 7.88 -15.94 21.58
C VAL B 68 7.84 -14.48 21.13
N ASP B 69 6.90 -13.73 21.69
CA ASP B 69 6.80 -12.29 21.51
C ASP B 69 7.12 -11.66 22.87
N ASN B 70 8.41 -11.63 23.20
CA ASN B 70 8.86 -11.12 24.48
C ASN B 70 8.75 -9.61 24.58
N ASP B 71 8.52 -8.90 23.47
CA ASP B 71 8.44 -7.45 23.46
C ASP B 71 9.76 -6.83 23.91
N GLY B 72 10.86 -7.53 23.66
CA GLY B 72 12.17 -7.08 24.09
C GLY B 72 12.46 -7.27 25.56
N LEU B 73 11.66 -8.08 26.25
CA LEU B 73 11.76 -8.23 27.70
C LEU B 73 12.27 -9.63 28.03
N TYR B 74 13.27 -9.69 28.90
CA TYR B 74 13.88 -10.94 29.30
C TYR B 74 14.39 -10.76 30.73
N ASP B 75 14.76 -11.86 31.37
CA ASP B 75 15.33 -11.78 32.72
C ASP B 75 16.83 -11.53 32.61
N PRO B 76 17.33 -10.38 33.06
CA PRO B 76 18.70 -9.98 32.75
C PRO B 76 19.70 -10.31 33.86
N ASP B 77 20.97 -10.42 33.50
CA ASP B 77 22.05 -10.55 34.47
C ASP B 77 22.61 -9.16 34.80
N CYS B 78 22.67 -8.84 36.09
CA CYS B 78 23.17 -7.54 36.53
C CYS B 78 24.47 -7.71 37.30
N ASP B 79 25.38 -6.76 37.12
CA ASP B 79 26.66 -6.73 37.83
C ASP B 79 26.42 -6.26 39.26
N PRO B 80 27.42 -6.42 40.14
CA PRO B 80 27.20 -6.05 41.55
C PRO B 80 26.78 -4.60 41.74
N GLU B 81 27.24 -3.69 40.90
CA GLU B 81 26.75 -2.31 40.99
C GLU B 81 25.26 -2.20 40.65
N GLY B 82 24.74 -3.12 39.84
CA GLY B 82 23.34 -3.10 39.41
C GLY B 82 23.13 -2.76 37.94
N ARG B 83 24.17 -2.47 37.19
CA ARG B 83 24.03 -2.26 35.77
C ARG B 83 23.90 -3.59 35.04
N PHE B 84 23.36 -3.54 33.83
CA PHE B 84 23.35 -4.72 32.98
C PHE B 84 24.79 -5.21 32.81
N LYS B 85 24.96 -6.54 32.82
CA LYS B 85 26.22 -7.12 32.42
C LYS B 85 26.44 -6.94 30.92
N ALA B 86 27.70 -6.75 30.54
CA ALA B 86 28.01 -6.42 29.14
C ALA B 86 27.53 -7.50 28.19
N ARG B 87 27.56 -8.76 28.62
CA ARG B 87 27.05 -9.86 27.81
C ARG B 87 25.82 -10.46 28.47
N GLN B 88 24.75 -10.59 27.71
CA GLN B 88 23.51 -11.15 28.19
C GLN B 88 23.28 -12.48 27.50
N CYS B 89 22.79 -13.46 28.23
CA CYS B 89 22.61 -14.81 27.64
C CYS B 89 21.26 -15.37 28.05
N GLN B 90 20.58 -16.03 27.12
CA GLN B 90 19.29 -16.66 27.46
C GLN B 90 19.26 -18.06 26.84
N GLN B 91 18.47 -18.97 27.41
CA GLN B 91 18.38 -20.37 26.92
C GLN B 91 19.77 -20.99 26.97
N THR B 92 20.63 -20.48 27.86
CA THR B 92 21.99 -21.02 28.06
C THR B 92 22.89 -20.77 26.84
N SER B 93 22.53 -21.31 25.69
CA SER B 93 23.44 -21.22 24.51
C SER B 93 23.52 -19.84 23.88
N VAL B 94 22.43 -19.08 23.77
CA VAL B 94 22.51 -17.80 23.00
C VAL B 94 23.00 -16.63 23.87
N CYS B 95 23.93 -15.82 23.33
CA CYS B 95 24.53 -14.72 24.06
C CYS B 95 24.77 -13.57 23.10
N TRP B 96 24.55 -12.36 23.61
CA TRP B 96 24.71 -11.15 22.78
C TRP B 96 25.17 -10.01 23.67
N CYS B 97 25.83 -9.01 23.09
CA CYS B 97 26.19 -7.82 23.83
C CYS B 97 25.00 -6.86 23.92
N VAL B 98 24.96 -6.08 25.01
CA VAL B 98 23.92 -5.08 25.22
C VAL B 98 24.57 -3.77 25.65
N ASN B 99 23.80 -2.69 25.53
CA ASN B 99 24.24 -1.36 25.92
C ASN B 99 23.78 -1.09 27.36
N SER B 100 23.98 0.13 27.81
CA SER B 100 23.69 0.51 29.21
C SER B 100 22.22 0.34 29.55
N VAL B 101 21.34 0.41 28.56
CA VAL B 101 19.91 0.23 28.79
C VAL B 101 19.46 -1.20 28.50
N GLY B 102 20.40 -2.12 28.28
CA GLY B 102 20.05 -3.53 28.18
C GLY B 102 19.54 -3.98 26.83
N VAL B 103 19.77 -3.22 25.78
CA VAL B 103 19.19 -3.47 24.46
C VAL B 103 20.24 -4.16 23.60
N ARG B 104 19.82 -5.20 22.89
CA ARG B 104 20.76 -5.97 22.08
C ARG B 104 21.36 -5.09 21.00
N ARG B 105 22.69 -5.12 20.89
CA ARG B 105 23.39 -4.26 19.93
C ARG B 105 24.31 -5.04 19.01
N THR B 106 24.35 -6.36 19.12
CA THR B 106 25.09 -7.22 18.20
C THR B 106 24.23 -8.42 17.88
N ASP B 107 24.57 -9.12 16.79
CA ASP B 107 23.80 -10.31 16.43
C ASP B 107 23.93 -11.35 17.52
N LYS B 108 22.82 -12.00 17.85
CA LYS B 108 22.85 -13.01 18.90
C LYS B 108 23.80 -14.14 18.47
N GLY B 109 24.67 -14.53 19.40
CA GLY B 109 25.69 -15.52 19.11
C GLY B 109 25.57 -16.71 20.03
N ASP B 110 26.71 -17.30 20.39
CA ASP B 110 26.71 -18.41 21.34
C ASP B 110 27.62 -18.10 22.52
N LEU B 111 27.98 -19.13 23.28
CA LEU B 111 28.82 -18.93 24.47
C LEU B 111 30.21 -18.46 24.09
N SER B 112 30.69 -18.79 22.89
CA SER B 112 32.01 -18.34 22.48
C SER B 112 32.08 -16.84 22.32
N LEU B 113 30.95 -16.20 21.96
CA LEU B 113 30.93 -14.76 21.79
C LEU B 113 31.26 -14.06 23.10
N ARG B 114 32.17 -13.02 22.94
CA ARG B 114 32.57 -12.21 24.11
C ARG B 114 32.22 -10.75 23.90
N CYS B 115 31.99 -10.02 25.01
CA CYS B 115 31.71 -8.59 24.95
C CYS B 115 32.81 -7.81 25.66
N ASP B 116 33.39 -6.85 24.95
CA ASP B 116 34.52 -6.11 25.49
C ASP B 116 34.11 -5.24 26.66
N GLU B 117 33.00 -4.51 26.52
CA GLU B 117 32.60 -3.55 27.54
C GLU B 117 31.12 -3.25 27.35
N LEU B 118 30.59 -2.47 28.30
CA LEU B 118 29.18 -2.03 28.20
C LEU B 118 29.18 -0.70 27.47
N VAL B 119 28.78 -0.69 26.21
CA VAL B 119 28.68 0.58 25.45
C VAL B 119 27.61 1.44 26.11
N ARG B 120 27.83 2.75 26.18
CA ARG B 120 26.91 3.65 26.91
C ARG B 120 25.84 4.24 26.02
N THR B 121 24.61 4.20 26.50
CA THR B 121 23.50 4.87 25.78
C THR B 121 23.58 6.31 26.24
N HIS B 122 24.09 7.17 25.39
CA HIS B 122 24.32 8.59 25.74
C HIS B 122 23.09 9.39 25.40
N HIS B 123 22.35 8.91 24.41
CA HIS B 123 21.21 9.71 23.98
C HIS B 123 19.94 8.88 23.98
N ILE B 124 18.85 9.46 24.44
CA ILE B 124 17.56 8.79 24.45
C ILE B 124 16.51 9.74 23.88
N LEU B 125 15.70 9.25 22.94
CA LEU B 125 14.58 10.01 22.37
C LEU B 125 13.27 9.34 22.78
N ILE B 126 12.47 10.04 23.57
CA ILE B 126 11.16 9.57 24.00
C ILE B 126 10.13 10.26 23.12
N ASP B 127 9.57 9.52 22.16
CA ASP B 127 8.53 10.00 21.26
C ASP B 127 7.15 9.59 21.79
N LEU B 128 6.34 10.58 22.14
CA LEU B 128 5.04 10.42 22.75
C LEU B 128 3.98 10.93 21.82
N ARG B 129 2.80 10.33 21.87
CA ARG B 129 1.66 10.78 21.10
C ARG B 129 0.47 10.82 22.05
N HIS B 130 0.07 12.03 22.42
CA HIS B 130 -1.07 12.27 23.29
C HIS B 130 -2.37 12.17 22.50
N ARG B 131 -3.45 11.86 23.20
CA ARG B 131 -4.74 11.76 22.54
C ARG B 131 -5.13 13.14 22.05
N PRO B 132 -5.41 13.33 20.75
CA PRO B 132 -5.55 14.70 20.24
C PRO B 132 -6.65 15.45 20.96
N THR B 133 -6.37 16.71 21.29
CA THR B 133 -7.27 17.56 22.05
C THR B 133 -7.63 18.77 21.21
N ALA B 134 -8.79 19.36 21.52
CA ALA B 134 -9.23 20.51 20.73
C ALA B 134 -8.26 21.66 20.85
N GLY B 135 -7.70 21.85 22.05
CA GLY B 135 -6.78 22.94 22.30
C GLY B 135 -5.39 22.38 22.50
N ALA B 136 -4.47 22.83 21.64
CA ALA B 136 -3.07 22.47 21.80
C ALA B 136 -2.52 23.06 23.08
N PHE B 137 -1.72 22.28 23.78
CA PHE B 137 -1.13 22.71 25.04
C PHE B 137 -0.12 23.84 24.79
N ASN B 138 -0.08 24.78 25.74
CA ASN B 138 0.92 25.87 25.68
C ASN B 138 2.30 25.21 25.63
N HIS B 139 3.07 25.49 24.60
CA HIS B 139 4.36 24.84 24.44
C HIS B 139 5.29 25.15 25.62
N SER B 140 5.19 26.37 26.17
CA SER B 140 6.02 26.69 27.32
C SER B 140 5.56 25.91 28.55
N ASP B 141 4.25 25.81 28.71
CA ASP B 141 3.70 25.18 29.93
C ASP B 141 3.96 23.68 29.87
N LEU B 142 3.95 23.10 28.69
CA LEU B 142 4.27 21.70 28.51
C LEU B 142 5.75 21.44 28.75
N ASP B 143 6.60 22.29 28.17
CA ASP B 143 8.04 22.17 28.38
C ASP B 143 8.36 22.24 29.87
N ALA B 144 7.80 23.24 30.56
CA ALA B 144 8.08 23.41 31.99
C ALA B 144 7.60 22.22 32.80
N GLU B 145 6.45 21.65 32.45
CA GLU B 145 5.91 20.54 33.23
C GLU B 145 6.76 19.29 33.04
N LEU B 146 7.22 19.03 31.82
CA LEU B 146 8.09 17.87 31.62
C LEU B 146 9.44 18.05 32.33
N ARG B 147 10.01 19.26 32.30
CA ARG B 147 11.26 19.47 33.01
C ARG B 147 11.07 19.26 34.50
N ARG B 148 9.96 19.77 35.06
CA ARG B 148 9.71 19.61 36.49
C ARG B 148 9.50 18.14 36.84
N LEU B 149 8.85 17.41 35.95
CA LEU B 149 8.59 16.00 36.19
C LEU B 149 9.88 15.23 36.29
N PHE B 150 10.79 15.45 35.32
CA PHE B 150 12.05 14.73 35.38
C PHE B 150 12.94 15.22 36.51
N ARG B 151 12.79 16.49 36.90
CA ARG B 151 13.62 17.03 37.97
C ARG B 151 13.22 16.50 39.34
N GLU B 152 11.92 16.38 39.60
CA GLU B 152 11.44 16.05 40.94
C GLU B 152 11.06 14.58 41.07
N ARG B 153 10.16 14.10 40.21
CA ARG B 153 9.69 12.73 40.33
C ARG B 153 10.79 11.71 40.01
N TYR B 154 11.57 11.96 38.96
CA TYR B 154 12.63 11.05 38.57
C TYR B 154 14.01 11.52 39.03
N ARG B 155 14.10 12.69 39.66
CA ARG B 155 15.33 13.21 40.23
C ARG B 155 16.48 13.24 39.22
N LEU B 156 16.14 13.55 37.98
CA LEU B 156 17.13 13.75 36.93
C LEU B 156 17.44 15.25 36.85
N HIS B 157 18.72 15.57 36.79
CA HIS B 157 19.12 16.97 36.73
C HIS B 157 18.65 17.59 35.41
N PRO B 158 18.25 18.85 35.42
CA PRO B 158 17.77 19.46 34.17
C PRO B 158 18.79 19.42 33.05
N LYS B 159 20.08 19.44 33.39
CA LYS B 159 21.10 19.47 32.36
C LYS B 159 21.13 18.19 31.54
N PHE B 160 20.53 17.12 32.02
CA PHE B 160 20.46 15.90 31.23
C PHE B 160 19.26 15.85 30.29
N VAL B 161 18.28 16.72 30.48
CA VAL B 161 17.20 16.90 29.52
C VAL B 161 17.68 17.84 28.43
N ALA B 162 17.81 17.34 27.21
CA ALA B 162 18.38 18.13 26.13
C ALA B 162 17.36 19.09 25.54
N ALA B 163 16.19 18.56 25.16
CA ALA B 163 15.20 19.34 24.44
C ALA B 163 13.83 18.73 24.67
N VAL B 164 12.81 19.53 24.37
CA VAL B 164 11.42 19.10 24.37
C VAL B 164 10.74 19.71 23.16
N HIS B 165 10.25 18.87 22.26
CA HIS B 165 9.54 19.30 21.07
C HIS B 165 8.05 19.00 21.20
N TYR B 166 7.23 19.80 20.50
CA TYR B 166 5.79 19.61 20.50
C TYR B 166 5.21 20.01 19.16
N GLU B 167 4.50 19.08 18.52
CA GLU B 167 3.75 19.33 17.28
C GLU B 167 2.49 18.49 17.36
N GLN B 168 1.42 19.06 17.93
CA GLN B 168 0.19 18.35 18.25
C GLN B 168 -0.15 17.35 17.14
N PRO B 169 -0.35 16.06 17.47
CA PRO B 169 -0.38 15.54 18.83
C PRO B 169 0.90 14.81 19.31
N THR B 170 2.08 15.20 18.82
CA THR B 170 3.32 14.50 19.14
C THR B 170 4.18 15.32 20.11
N ILE B 171 4.62 14.68 21.19
CA ILE B 171 5.53 15.27 22.17
C ILE B 171 6.85 14.52 22.09
N GLN B 172 7.95 15.23 22.28
CA GLN B 172 9.24 14.57 22.20
C GLN B 172 10.12 15.08 23.32
N ILE B 173 10.88 14.17 23.92
CA ILE B 173 11.83 14.51 24.97
C ILE B 173 13.17 13.90 24.58
N GLU B 174 14.19 14.74 24.41
CA GLU B 174 15.55 14.25 24.25
C GLU B 174 16.29 14.30 25.59
N LEU B 175 16.96 13.20 25.93
CA LEU B 175 17.80 13.10 27.12
C LEU B 175 19.22 12.80 26.67
N ARG B 176 20.19 13.52 27.24
CA ARG B 176 21.60 13.36 26.81
C ARG B 176 22.50 13.25 28.05
N GLN B 177 23.19 12.14 28.25
CA GLN B 177 24.14 11.97 29.38
C GLN B 177 25.26 11.04 28.94
N GLN B 178 26.42 11.58 28.56
CA GLN B 178 27.56 10.77 28.13
C GLN B 178 28.39 10.36 29.34
N THR B 179 29.28 9.38 29.19
CA THR B 179 30.05 8.87 30.34
C THR B 179 30.79 10.01 31.00
N SER B 180 31.41 10.85 30.19
CA SER B 180 32.19 11.97 30.71
C SER B 180 31.34 12.98 31.45
N GLN B 181 30.03 13.03 31.20
CA GLN B 181 29.13 13.98 31.81
C GLN B 181 28.51 13.50 33.12
N LYS B 182 28.67 12.22 33.42
CA LYS B 182 27.93 11.66 34.57
C LYS B 182 28.77 11.49 35.81
N ALA B 183 28.52 12.33 36.79
CA ALA B 183 29.11 12.13 38.11
C ALA B 183 28.46 10.96 38.84
N ALA B 184 29.24 10.32 39.72
CA ALA B 184 28.66 9.32 40.60
C ALA B 184 27.60 9.95 41.50
N GLY B 185 26.50 9.24 41.69
CA GLY B 185 25.36 9.80 42.39
C GLY B 185 24.35 10.54 41.53
N ASP B 186 24.62 10.68 40.23
CA ASP B 186 23.61 11.14 39.29
C ASP B 186 22.68 10.00 38.92
N VAL B 187 21.36 10.26 38.93
CA VAL B 187 20.41 9.38 38.28
C VAL B 187 20.73 9.25 36.79
N ASP B 188 20.61 8.06 36.24
CA ASP B 188 20.90 7.82 34.82
C ASP B 188 19.67 8.12 33.96
N ILE B 189 19.91 8.55 32.74
CA ILE B 189 18.83 8.86 31.79
C ILE B 189 18.11 7.56 31.43
N GLY B 190 18.77 6.42 31.50
CA GLY B 190 18.05 5.19 31.19
C GLY B 190 17.07 4.81 32.28
N ASP B 191 17.38 5.13 33.52
CA ASP B 191 16.49 4.78 34.62
C ASP B 191 15.34 5.76 34.74
N ALA B 192 15.59 7.05 34.55
CA ALA B 192 14.48 8.00 34.48
C ALA B 192 13.57 7.69 33.31
N ALA B 193 14.15 7.26 32.18
CA ALA B 193 13.33 6.90 31.04
C ALA B 193 12.48 5.67 31.35
N TYR B 194 13.04 4.68 32.05
CA TYR B 194 12.23 3.50 32.38
C TYR B 194 11.11 3.86 33.35
N TYR B 195 11.41 4.66 34.37
CA TYR B 195 10.37 5.05 35.30
C TYR B 195 9.28 5.84 34.59
N PHE B 196 9.67 6.67 33.62
CA PHE B 196 8.67 7.45 32.89
C PHE B 196 7.79 6.55 32.04
N GLU B 197 8.41 5.61 31.32
CA GLU B 197 7.61 4.73 30.49
C GLU B 197 6.64 3.92 31.33
N ARG B 198 7.10 3.39 32.47
CA ARG B 198 6.17 2.64 33.32
C ARG B 198 5.09 3.54 33.91
N ASP B 199 5.38 4.80 34.22
CA ASP B 199 4.33 5.67 34.73
C ASP B 199 3.29 5.94 33.65
N ILE B 200 3.74 6.13 32.41
CA ILE B 200 2.85 6.46 31.30
C ILE B 200 1.86 5.33 31.05
N LYS B 201 2.31 4.08 31.24
CA LYS B 201 1.49 2.91 30.99
C LYS B 201 0.66 2.49 32.21
N GLY B 202 0.65 3.30 33.27
CA GLY B 202 -0.13 2.99 34.45
C GLY B 202 0.53 2.06 35.45
N GLU B 203 1.74 1.59 35.18
CA GLU B 203 2.44 0.67 36.08
C GLU B 203 3.51 1.41 36.89
N SER B 204 3.08 2.42 37.64
CA SER B 204 4.02 3.26 38.38
C SER B 204 4.80 2.46 39.40
N LEU B 205 6.10 2.76 39.51
CA LEU B 205 6.98 2.05 40.43
C LEU B 205 7.01 2.64 41.83
N PHE B 206 6.38 3.79 42.05
CA PHE B 206 6.52 4.48 43.32
C PHE B 206 5.56 3.91 44.36
N GLN B 207 6.09 3.58 45.52
CA GLN B 207 5.29 3.10 46.65
C GLN B 207 4.95 4.31 47.52
N GLY B 208 3.79 4.91 47.27
CA GLY B 208 3.27 6.00 48.09
C GLY B 208 3.09 7.31 47.38
N ARG B 209 3.57 7.44 46.14
CA ARG B 209 3.34 8.64 45.35
C ARG B 209 2.15 8.51 44.38
N GLY B 210 1.65 7.29 44.16
CA GLY B 210 0.52 7.09 43.28
C GLY B 210 0.91 7.16 41.80
N GLY B 211 -0.11 7.08 40.95
CA GLY B 211 0.12 7.06 39.52
C GLY B 211 0.47 8.44 38.99
N LEU B 212 0.80 8.48 37.71
CA LEU B 212 1.18 9.72 37.03
C LEU B 212 -0.06 10.38 36.46
N ASP B 213 -0.63 11.31 37.22
CA ASP B 213 -1.73 12.15 36.70
C ASP B 213 -1.11 13.37 36.04
N LEU B 214 -0.55 13.14 34.84
CA LEU B 214 0.15 14.21 34.12
C LEU B 214 -0.84 15.29 33.71
N ARG B 215 -0.54 16.52 34.09
CA ARG B 215 -1.49 17.61 33.78
C ARG B 215 -0.77 18.90 33.41
N VAL B 216 -1.09 19.49 32.26
CA VAL B 216 -0.53 20.80 31.85
C VAL B 216 -1.64 21.83 31.96
N ARG B 217 -1.49 22.79 32.89
CA ARG B 217 -2.52 23.84 33.11
C ARG B 217 -3.85 23.17 33.52
N GLY B 218 -3.78 22.11 34.32
CA GLY B 218 -5.00 21.45 34.81
C GLY B 218 -5.59 20.53 33.79
N GLU B 219 -5.23 20.73 32.53
CA GLU B 219 -5.76 19.89 31.44
C GLU B 219 -5.02 18.57 31.46
N PRO B 220 -5.73 17.45 31.55
CA PRO B 220 -5.06 16.14 31.62
C PRO B 220 -4.34 15.79 30.34
N LEU B 221 -3.18 15.15 30.49
CA LEU B 221 -2.37 14.68 29.39
C LEU B 221 -2.34 13.16 29.43
N GLN B 222 -2.88 12.53 28.39
CA GLN B 222 -2.91 11.08 28.31
C GLN B 222 -2.19 10.65 27.04
N VAL B 223 -1.18 9.81 27.21
CA VAL B 223 -0.37 9.31 26.11
C VAL B 223 -1.07 8.10 25.49
N GLU B 224 -1.32 8.16 24.19
CA GLU B 224 -1.87 7.01 23.49
C GLU B 224 -0.80 6.18 22.77
N ARG B 225 0.38 6.73 22.50
CA ARG B 225 1.44 5.90 21.94
C ARG B 225 2.79 6.37 22.46
N THR B 226 3.69 5.42 22.75
CA THR B 226 5.04 5.75 23.19
C THR B 226 6.05 4.90 22.43
N LEU B 227 7.15 5.53 22.04
CA LEU B 227 8.26 4.88 21.36
C LEU B 227 9.56 5.50 21.86
N ILE B 228 10.50 4.66 22.27
CA ILE B 228 11.76 5.14 22.83
C ILE B 228 12.90 4.64 21.97
N TYR B 229 13.82 5.54 21.64
CA TYR B 229 14.96 5.23 20.80
C TYR B 229 16.25 5.51 21.57
N TYR B 230 17.20 4.59 21.44
CA TYR B 230 18.43 4.62 22.22
C TYR B 230 19.61 4.78 21.27
N LEU B 231 20.50 5.73 21.58
CA LEU B 231 21.72 5.95 20.76
C LEU B 231 22.93 5.73 21.63
N ASP B 232 23.89 4.95 21.14
CA ASP B 232 25.05 4.56 21.95
C ASP B 232 26.33 5.26 21.48
N GLU B 233 27.30 5.41 22.37
CA GLU B 233 28.58 6.09 22.05
C GLU B 233 29.34 5.31 20.99
N ILE B 234 28.96 4.06 20.78
CA ILE B 234 29.55 3.27 19.68
C ILE B 234 28.40 2.71 18.85
N PRO B 235 28.47 2.74 17.52
CA PRO B 235 27.36 2.22 16.72
C PRO B 235 27.21 0.72 16.93
N PRO B 236 25.98 0.20 16.83
CA PRO B 236 25.79 -1.24 16.96
C PRO B 236 26.48 -2.01 15.84
N LYS B 237 26.97 -3.20 16.18
CA LYS B 237 27.70 -4.06 15.25
C LYS B 237 26.79 -5.20 14.77
N PHE B 238 25.84 -4.85 13.92
CA PHE B 238 25.02 -5.85 13.23
C PHE B 238 25.66 -6.19 11.88
N SER B 239 25.61 -7.47 11.52
CA SER B 239 26.20 -7.92 10.26
C SER B 239 25.26 -8.88 9.53
N ASP C 2 -19.56 14.17 18.68
CA ASP C 2 -19.17 14.04 17.29
C ASP C 2 -19.67 12.72 16.69
N ASN C 3 -20.26 12.80 15.48
CA ASN C 3 -20.64 11.60 14.73
C ASN C 3 -19.50 11.01 13.91
N CYS C 4 -18.37 11.72 13.78
CA CYS C 4 -17.30 11.32 12.88
C CYS C 4 -16.17 10.71 13.69
N THR C 5 -16.27 9.40 13.93
CA THR C 5 -15.35 8.70 14.81
C THR C 5 -15.13 7.30 14.28
N CYS C 6 -14.11 6.64 14.84
CA CYS C 6 -13.77 5.27 14.50
C CYS C 6 -13.55 4.51 15.80
N PRO C 7 -14.63 4.06 16.44
CA PRO C 7 -14.50 3.51 17.80
C PRO C 7 -13.53 2.34 17.91
N THR C 8 -13.43 1.50 16.89
CA THR C 8 -12.57 0.33 16.96
C THR C 8 -11.11 0.62 16.62
N ASN C 9 -10.77 1.86 16.22
CA ASN C 9 -9.42 2.15 15.74
C ASN C 9 -9.17 3.66 15.84
N LYS C 10 -8.57 4.10 16.94
CA LYS C 10 -8.21 5.51 17.08
C LYS C 10 -7.04 5.91 16.17
N MET C 11 -6.20 4.95 15.75
CA MET C 11 -5.05 5.26 14.91
C MET C 11 -5.50 5.50 13.46
N THR C 12 -6.38 6.47 13.29
CA THR C 12 -7.02 6.79 12.02
C THR C 12 -7.23 8.29 11.92
N VAL C 13 -7.70 8.73 10.75
CA VAL C 13 -8.04 10.13 10.49
C VAL C 13 -9.42 10.15 9.87
N CYS C 14 -10.35 10.87 10.50
CA CYS C 14 -11.74 10.89 10.07
C CYS C 14 -12.18 12.33 9.86
N SER C 15 -12.97 12.55 8.82
CA SER C 15 -13.49 13.88 8.56
C SER C 15 -14.82 13.76 7.85
N PRO C 16 -15.74 14.70 8.06
CA PRO C 16 -17.04 14.67 7.37
C PRO C 16 -17.00 15.33 6.00
N ASP C 17 -16.06 14.91 5.15
CA ASP C 17 -15.83 15.56 3.86
C ASP C 17 -16.31 14.74 2.67
N GLY C 18 -17.12 13.71 2.89
CA GLY C 18 -17.61 12.88 1.81
C GLY C 18 -18.89 13.43 1.22
N PRO C 19 -19.55 12.67 0.34
CA PRO C 19 -20.81 13.13 -0.24
C PRO C 19 -21.82 13.39 0.87
N GLY C 20 -22.53 14.51 0.75
CA GLY C 20 -23.44 14.87 1.82
C GLY C 20 -22.77 15.18 3.13
N GLY C 21 -21.44 15.35 3.14
CA GLY C 21 -20.74 15.46 4.39
C GLY C 21 -20.53 14.15 5.12
N ARG C 22 -20.53 13.05 4.27
CA ARG C 22 -20.31 11.70 4.82
C ARG C 22 -19.02 11.68 5.63
N CYS C 23 -19.10 10.95 6.82
CA CYS C 23 -17.87 10.76 7.59
C CYS C 23 -17.05 9.74 6.84
N GLN C 24 -15.83 10.08 6.55
CA GLN C 24 -14.94 9.10 5.96
C GLN C 24 -13.60 9.10 6.68
N CYS C 25 -13.04 7.91 6.84
CA CYS C 25 -11.92 7.65 7.71
C CYS C 25 -10.85 6.93 6.91
N ARG C 26 -9.61 7.02 7.37
CA ARG C 26 -8.52 6.31 6.73
C ARG C 26 -7.49 5.94 7.77
N ALA C 27 -6.79 4.84 7.54
CA ALA C 27 -5.84 4.34 8.51
C ALA C 27 -4.60 5.24 8.55
N LEU C 28 -4.18 5.58 9.77
CA LEU C 28 -2.96 6.36 9.94
C LEU C 28 -1.77 5.60 9.37
N GLY C 29 -0.92 6.32 8.64
CA GLY C 29 0.35 5.81 8.19
C GLY C 29 0.29 5.04 6.89
N SER C 30 -0.87 4.57 6.50
CA SER C 30 -0.99 3.73 5.33
C SER C 30 -2.07 4.20 4.37
N GLY C 31 -3.03 5.00 4.83
CA GLY C 31 -4.09 5.43 3.96
C GLY C 31 -5.03 4.32 3.60
N MET C 32 -4.93 3.19 4.27
CA MET C 32 -5.79 2.07 3.93
C MET C 32 -7.20 2.30 4.45
N ALA C 33 -8.16 1.70 3.76
CA ALA C 33 -9.53 1.76 4.23
C ALA C 33 -9.66 0.99 5.55
N VAL C 34 -10.57 1.46 6.40
CA VAL C 34 -10.73 0.96 7.75
C VAL C 34 -12.21 0.71 8.01
N ASP C 35 -12.52 -0.43 8.62
CA ASP C 35 -13.89 -0.76 9.03
C ASP C 35 -14.06 -0.32 10.48
N CYS C 36 -14.81 0.75 10.70
CA CYS C 36 -14.99 1.29 12.04
C CYS C 36 -16.01 0.52 12.86
N SER C 37 -16.59 -0.55 12.31
CA SER C 37 -17.52 -1.38 13.05
C SER C 37 -16.89 -2.64 13.60
N THR C 38 -15.57 -2.82 13.44
CA THR C 38 -14.91 -4.07 13.83
C THR C 38 -13.40 -3.84 13.95
N LEU C 39 -12.72 -4.83 14.52
CA LEU C 39 -11.28 -4.72 14.74
C LEU C 39 -10.54 -4.61 13.41
N THR C 40 -9.49 -3.80 13.41
CA THR C 40 -8.62 -3.61 12.25
C THR C 40 -7.46 -4.61 12.28
N SER C 41 -7.00 -5.00 11.10
CA SER C 41 -5.97 -6.02 11.02
C SER C 41 -4.69 -5.54 11.70
N LYS C 42 -3.96 -6.49 12.29
CA LYS C 42 -2.75 -6.13 13.03
C LYS C 42 -1.73 -5.46 12.12
N CYS C 43 -1.67 -5.86 10.84
CA CYS C 43 -0.68 -5.27 9.93
C CYS C 43 -0.91 -3.76 9.78
N LEU C 44 -2.16 -3.35 9.54
CA LEU C 44 -2.44 -1.93 9.41
C LEU C 44 -2.18 -1.20 10.72
N LEU C 45 -2.51 -1.82 11.86
CA LEU C 45 -2.27 -1.15 13.13
C LEU C 45 -0.78 -0.95 13.37
N LEU C 46 0.04 -1.92 12.95
CA LEU C 46 1.49 -1.75 13.06
C LEU C 46 1.98 -0.63 12.16
N LYS C 47 1.46 -0.56 10.93
CA LYS C 47 1.90 0.51 10.05
C LYS C 47 1.56 1.86 10.66
N ALA C 48 0.39 1.96 11.29
CA ALA C 48 0.03 3.21 11.96
C ALA C 48 0.97 3.49 13.10
N ARG C 49 1.35 2.47 13.85
CA ARG C 49 2.16 2.70 15.04
C ARG C 49 3.58 3.12 14.70
N MET C 50 4.09 2.68 13.57
CA MET C 50 5.47 3.01 13.18
C MET C 50 5.46 4.07 12.09
N SER C 51 4.33 4.72 11.84
CA SER C 51 4.29 5.79 10.86
C SER C 51 5.04 7.02 11.35
N ALA C 52 5.85 7.59 10.46
CA ALA C 52 6.64 8.83 10.50
C ALA C 52 5.80 10.00 10.01
N PRO C 53 5.86 11.15 10.70
CA PRO C 53 5.18 12.35 10.18
C PRO C 53 5.79 12.78 8.85
N LYS C 54 4.94 13.34 7.97
CA LYS C 54 5.40 13.77 6.66
C LYS C 54 6.41 14.91 6.77
N ASN C 55 6.06 15.95 7.54
CA ASN C 55 6.95 17.06 7.83
C ASN C 55 7.36 16.99 9.28
N ALA C 56 8.66 16.76 9.53
CA ALA C 56 9.14 16.66 10.90
C ALA C 56 8.94 17.97 11.66
N ARG C 57 9.07 19.11 10.99
CA ARG C 57 8.89 20.45 11.59
C ARG C 57 9.83 20.58 12.78
N THR C 58 9.35 21.01 13.96
CA THR C 58 10.17 21.11 15.17
C THR C 58 10.62 19.75 15.70
N LEU C 59 9.85 18.69 15.46
CA LEU C 59 10.25 17.37 15.94
C LEU C 59 11.55 16.93 15.27
N VAL C 60 12.28 16.06 15.96
CA VAL C 60 13.46 15.43 15.41
C VAL C 60 13.11 14.00 15.02
N ARG C 61 14.00 13.37 14.17
CA ARG C 61 13.75 12.00 13.74
C ARG C 61 14.69 11.03 14.45
N PRO C 62 14.31 9.76 14.61
CA PRO C 62 15.23 8.80 15.22
C PRO C 62 16.49 8.63 14.37
N SER C 63 17.62 8.46 15.05
CA SER C 63 18.87 8.26 14.36
C SER C 63 18.88 6.92 13.62
N GLU C 64 19.66 6.86 12.54
CA GLU C 64 19.78 5.62 11.78
C GLU C 64 20.38 4.51 12.61
N HIS C 65 21.19 4.85 13.62
CA HIS C 65 21.79 3.87 14.53
C HIS C 65 21.00 3.72 15.82
N ALA C 66 19.84 4.36 15.94
CA ALA C 66 19.04 4.21 17.14
C ALA C 66 18.47 2.79 17.23
N LEU C 67 18.29 2.33 18.46
CA LEU C 67 17.74 1.02 18.76
C LEU C 67 16.51 1.15 19.64
N VAL C 68 15.65 0.13 19.62
CA VAL C 68 14.43 0.13 20.41
C VAL C 68 14.40 -1.12 21.29
N ASP C 69 13.63 -1.03 22.38
CA ASP C 69 13.50 -2.13 23.32
C ASP C 69 13.04 -3.40 22.62
N ASN C 70 12.02 -3.29 21.78
CA ASN C 70 11.41 -4.44 21.11
C ASN C 70 12.07 -4.59 19.75
N ASP C 71 12.96 -5.58 19.64
CA ASP C 71 13.63 -5.83 18.37
C ASP C 71 12.68 -6.37 17.31
N GLY C 72 11.48 -6.81 17.69
CA GLY C 72 10.50 -7.29 16.74
C GLY C 72 9.66 -6.24 16.04
N LEU C 73 9.72 -4.96 16.45
CA LEU C 73 8.94 -3.92 15.79
C LEU C 73 9.53 -3.54 14.43
N TYR C 74 8.63 -3.31 13.46
CA TYR C 74 9.01 -2.88 12.12
C TYR C 74 7.75 -2.37 11.42
N ASP C 75 7.94 -1.65 10.31
CA ASP C 75 6.81 -1.19 9.52
C ASP C 75 6.58 -2.19 8.40
N PRO C 76 5.48 -2.93 8.41
CA PRO C 76 5.32 -4.06 7.49
C PRO C 76 4.60 -3.67 6.21
N ASP C 77 4.71 -4.54 5.21
CA ASP C 77 3.92 -4.43 3.99
C ASP C 77 2.67 -5.28 4.12
N CYS C 78 1.52 -4.67 3.87
CA CYS C 78 0.24 -5.37 3.93
C CYS C 78 -0.29 -5.57 2.52
N ASP C 79 -1.06 -6.63 2.33
CA ASP C 79 -1.72 -6.87 1.06
C ASP C 79 -3.03 -6.06 1.01
N PRO C 80 -3.73 -6.07 -0.13
CA PRO C 80 -4.98 -5.28 -0.21
C PRO C 80 -6.03 -5.65 0.82
N GLU C 81 -6.04 -6.88 1.31
CA GLU C 81 -7.00 -7.25 2.36
C GLU C 81 -6.54 -6.85 3.77
N GLY C 82 -5.34 -6.31 3.93
CA GLY C 82 -4.83 -5.96 5.23
C GLY C 82 -4.03 -7.04 5.94
N ARG C 83 -3.91 -8.22 5.35
CA ARG C 83 -3.03 -9.25 5.88
C ARG C 83 -1.57 -8.85 5.72
N PHE C 84 -0.71 -9.41 6.56
CA PHE C 84 0.72 -9.31 6.30
C PHE C 84 1.05 -9.97 4.97
N LYS C 85 1.86 -9.30 4.17
CA LYS C 85 2.46 -9.97 3.02
C LYS C 85 3.40 -11.05 3.55
N ALA C 86 3.36 -12.22 2.90
CA ALA C 86 4.10 -13.35 3.44
C ALA C 86 5.59 -13.07 3.52
N ARG C 87 6.11 -12.28 2.60
CA ARG C 87 7.51 -11.90 2.59
C ARG C 87 7.62 -10.46 3.08
N GLN C 88 8.64 -10.19 3.90
CA GLN C 88 8.85 -8.87 4.48
C GLN C 88 10.32 -8.53 4.38
N CYS C 89 10.62 -7.34 3.86
CA CYS C 89 11.99 -6.92 3.65
C CYS C 89 12.26 -5.59 4.34
N GLN C 90 13.43 -5.50 4.97
CA GLN C 90 13.93 -4.27 5.54
C GLN C 90 15.36 -4.06 5.05
N GLN C 91 15.81 -2.81 5.11
CA GLN C 91 17.15 -2.45 4.57
C GLN C 91 17.18 -2.80 3.09
N THR C 92 16.00 -2.98 2.50
CA THR C 92 15.85 -3.27 1.04
C THR C 92 16.33 -4.69 0.74
N SER C 93 17.50 -5.06 1.22
CA SER C 93 18.09 -6.38 0.86
C SER C 93 17.77 -7.45 1.89
N VAL C 94 17.59 -7.08 3.16
CA VAL C 94 17.25 -8.15 4.11
C VAL C 94 15.79 -8.55 3.93
N CYS C 95 15.53 -9.86 3.95
CA CYS C 95 14.17 -10.34 3.73
C CYS C 95 13.93 -11.61 4.53
N TRP C 96 12.67 -11.82 4.92
CA TRP C 96 12.28 -12.98 5.68
C TRP C 96 10.80 -13.25 5.47
N CYS C 97 10.38 -14.47 5.80
CA CYS C 97 8.96 -14.80 5.75
C CYS C 97 8.32 -14.60 7.12
N VAL C 98 7.02 -14.32 7.12
CA VAL C 98 6.28 -14.12 8.35
C VAL C 98 4.99 -14.93 8.31
N ASN C 99 4.42 -15.13 9.49
CA ASN C 99 3.12 -15.79 9.64
C ASN C 99 2.03 -14.73 9.72
N SER C 100 0.79 -15.19 9.91
CA SER C 100 -0.35 -14.29 9.84
C SER C 100 -0.33 -13.25 10.96
N VAL C 101 0.44 -13.45 12.02
CA VAL C 101 0.59 -12.43 13.05
C VAL C 101 1.84 -11.57 12.84
N GLY C 102 2.56 -11.76 11.72
CA GLY C 102 3.67 -10.91 11.37
C GLY C 102 5.02 -11.24 11.97
N VAL C 103 5.13 -12.30 12.76
CA VAL C 103 6.40 -12.66 13.35
C VAL C 103 7.26 -13.41 12.34
N ARG C 104 8.58 -13.22 12.42
CA ARG C 104 9.50 -13.90 11.51
C ARG C 104 9.44 -15.40 11.72
N ARG C 105 9.35 -16.14 10.62
CA ARG C 105 9.16 -17.58 10.67
C ARG C 105 10.30 -18.33 9.99
N THR C 106 11.30 -17.63 9.48
CA THR C 106 12.40 -18.21 8.72
C THR C 106 13.66 -17.41 8.99
N ASP C 107 14.79 -17.92 8.48
CA ASP C 107 16.03 -17.16 8.55
C ASP C 107 15.98 -15.97 7.61
N LYS C 108 16.67 -14.92 8.01
CA LYS C 108 16.73 -13.71 7.18
C LYS C 108 17.54 -14.03 5.93
N GLY C 109 17.12 -13.51 4.78
CA GLY C 109 17.79 -13.77 3.52
C GLY C 109 18.00 -12.52 2.70
N ASP C 110 18.17 -12.69 1.39
CA ASP C 110 18.31 -11.59 0.45
C ASP C 110 17.07 -11.51 -0.44
N LEU C 111 17.17 -10.74 -1.52
CA LEU C 111 16.02 -10.56 -2.42
C LEU C 111 15.61 -11.85 -3.10
N SER C 112 16.50 -12.85 -3.15
CA SER C 112 16.19 -14.13 -3.77
C SER C 112 15.20 -14.96 -2.98
N LEU C 113 14.98 -14.64 -1.70
CA LEU C 113 14.06 -15.41 -0.89
C LEU C 113 12.64 -15.33 -1.42
N ARG C 114 11.96 -16.49 -1.45
CA ARG C 114 10.56 -16.58 -1.86
C ARG C 114 9.76 -17.25 -0.76
N CYS C 115 8.57 -16.70 -0.47
CA CYS C 115 7.65 -17.25 0.52
C CYS C 115 6.38 -17.67 -0.21
N ASP C 116 6.17 -18.98 -0.31
CA ASP C 116 5.07 -19.49 -1.13
C ASP C 116 3.70 -19.13 -0.56
N GLU C 117 3.60 -18.93 0.76
CA GLU C 117 2.28 -18.70 1.35
C GLU C 117 2.46 -18.00 2.69
N LEU C 118 1.39 -17.35 3.14
CA LEU C 118 1.30 -16.79 4.48
C LEU C 118 0.81 -17.89 5.42
N VAL C 119 1.75 -18.51 6.13
CA VAL C 119 1.38 -19.59 7.05
C VAL C 119 0.50 -19.04 8.16
N ARG C 120 -0.60 -19.74 8.43
CA ARG C 120 -1.53 -19.28 9.45
C ARG C 120 -0.98 -19.54 10.85
N THR C 121 -1.16 -18.56 11.72
CA THR C 121 -0.99 -18.76 13.16
C THR C 121 -2.32 -19.28 13.69
N HIS C 122 -2.34 -20.54 14.14
CA HIS C 122 -3.58 -21.15 14.58
C HIS C 122 -3.71 -21.30 16.09
N HIS C 123 -2.63 -21.16 16.85
CA HIS C 123 -2.74 -21.24 18.30
C HIS C 123 -1.97 -20.10 18.93
N ILE C 124 -2.52 -19.51 19.98
CA ILE C 124 -1.86 -18.39 20.67
C ILE C 124 -1.96 -18.61 22.16
N LEU C 125 -0.84 -18.47 22.86
CA LEU C 125 -0.78 -18.57 24.31
C LEU C 125 -0.41 -17.21 24.88
N ILE C 126 -1.28 -16.64 25.71
CA ILE C 126 -1.04 -15.35 26.35
C ILE C 126 -0.80 -15.62 27.83
N ASP C 127 0.40 -15.27 28.29
CA ASP C 127 0.88 -15.58 29.64
C ASP C 127 1.07 -14.27 30.38
N LEU C 128 0.23 -14.02 31.37
CA LEU C 128 0.31 -12.83 32.19
C LEU C 128 0.81 -13.18 33.59
N ARG C 129 1.71 -12.34 34.12
CA ARG C 129 2.03 -12.37 35.54
C ARG C 129 1.53 -11.08 36.15
N HIS C 130 0.67 -11.23 37.14
CA HIS C 130 -0.04 -10.08 37.73
C HIS C 130 0.57 -9.56 39.02
N ARG C 131 0.28 -8.30 39.31
CA ARG C 131 0.78 -7.66 40.53
C ARG C 131 0.06 -8.27 41.74
N PRO C 132 0.80 -8.77 42.74
CA PRO C 132 0.17 -9.60 43.76
C PRO C 132 -0.87 -8.86 44.59
N THR C 133 -1.91 -9.61 44.97
CA THR C 133 -2.99 -9.08 45.83
C THR C 133 -3.08 -10.01 47.04
N ALA C 134 -3.68 -9.57 48.14
CA ALA C 134 -3.68 -10.30 49.40
C ALA C 134 -4.25 -11.71 49.24
N GLY C 135 -5.39 -11.76 48.57
CA GLY C 135 -6.06 -13.05 48.36
C GLY C 135 -6.22 -13.32 46.89
N ALA C 136 -6.05 -14.58 46.50
CA ALA C 136 -6.11 -14.94 45.08
C ALA C 136 -7.54 -14.83 44.59
N PHE C 137 -7.73 -15.19 43.33
CA PHE C 137 -9.09 -15.15 42.76
C PHE C 137 -9.50 -16.58 42.47
N ASN C 138 -10.77 -16.82 42.22
CA ASN C 138 -11.16 -18.19 41.84
C ASN C 138 -10.83 -18.37 40.36
N HIS C 139 -10.15 -19.45 39.98
CA HIS C 139 -9.92 -19.72 38.54
C HIS C 139 -11.24 -19.51 37.84
N SER C 140 -12.34 -19.99 38.42
CA SER C 140 -13.58 -19.84 37.68
C SER C 140 -13.90 -18.38 37.42
N ASP C 141 -13.53 -17.51 38.35
CA ASP C 141 -13.84 -16.07 38.22
C ASP C 141 -12.92 -15.44 37.16
N LEU C 142 -11.69 -15.89 37.04
CA LEU C 142 -10.81 -15.41 35.95
C LEU C 142 -11.28 -15.99 34.62
N ASP C 143 -11.58 -17.28 34.57
CA ASP C 143 -12.10 -17.88 33.34
C ASP C 143 -13.28 -17.07 32.83
N ALA C 144 -14.23 -16.76 33.72
CA ALA C 144 -15.44 -16.09 33.28
C ALA C 144 -15.13 -14.69 32.79
N GLU C 145 -14.27 -13.96 33.50
CA GLU C 145 -14.04 -12.56 33.12
C GLU C 145 -13.23 -12.45 31.84
N LEU C 146 -12.21 -13.29 31.69
CA LEU C 146 -11.43 -13.25 30.44
C LEU C 146 -12.26 -13.71 29.25
N ARG C 147 -13.12 -14.73 29.41
CA ARG C 147 -13.96 -15.15 28.31
C ARG C 147 -14.98 -14.08 27.95
N ARG C 148 -15.52 -13.39 28.96
CA ARG C 148 -16.43 -12.29 28.71
C ARG C 148 -15.72 -11.17 27.96
N LEU C 149 -14.46 -10.94 28.31
CA LEU C 149 -13.70 -9.86 27.71
C LEU C 149 -13.46 -10.14 26.23
N PHE C 150 -12.98 -11.35 25.93
CA PHE C 150 -12.71 -11.67 24.55
C PHE C 150 -13.99 -11.76 23.74
N ARG C 151 -15.11 -12.02 24.40
CA ARG C 151 -16.36 -12.18 23.69
C ARG C 151 -17.02 -10.84 23.40
N GLU C 152 -16.84 -9.86 24.28
CA GLU C 152 -17.49 -8.56 24.13
C GLU C 152 -16.52 -7.47 23.68
N ARG C 153 -15.41 -7.30 24.41
CA ARG C 153 -14.47 -6.17 24.14
C ARG C 153 -13.59 -6.44 22.91
N TYR C 154 -13.41 -7.70 22.52
CA TYR C 154 -12.63 -8.00 21.32
C TYR C 154 -13.44 -8.67 20.23
N ARG C 155 -14.74 -8.90 20.50
CA ARG C 155 -15.63 -9.41 19.43
C ARG C 155 -15.12 -10.73 18.89
N LEU C 156 -14.40 -11.47 19.68
CA LEU C 156 -13.98 -12.80 19.30
C LEU C 156 -15.09 -13.79 19.66
N HIS C 157 -15.36 -14.71 18.74
CA HIS C 157 -16.44 -15.65 19.02
C HIS C 157 -16.04 -16.54 20.20
N PRO C 158 -16.99 -16.88 21.07
CA PRO C 158 -16.63 -17.64 22.27
C PRO C 158 -15.95 -18.98 21.98
N LYS C 159 -16.24 -19.60 20.84
CA LYS C 159 -15.67 -20.91 20.56
C LYS C 159 -14.16 -20.88 20.38
N PHE C 160 -13.57 -19.71 20.14
CA PHE C 160 -12.15 -19.62 19.84
C PHE C 160 -11.26 -19.44 21.06
N VAL C 161 -11.81 -19.22 22.25
CA VAL C 161 -11.01 -19.18 23.47
C VAL C 161 -10.92 -20.61 23.98
N ALA C 162 -9.81 -21.28 23.65
CA ALA C 162 -9.68 -22.68 24.01
C ALA C 162 -9.64 -22.87 25.52
N ALA C 163 -8.93 -22.01 26.24
CA ALA C 163 -8.70 -22.34 27.65
C ALA C 163 -8.25 -21.13 28.45
N VAL C 164 -8.45 -21.22 29.77
CA VAL C 164 -7.96 -20.22 30.72
C VAL C 164 -7.36 -20.96 31.91
N HIS C 165 -6.06 -20.79 32.12
CA HIS C 165 -5.35 -21.41 33.23
C HIS C 165 -4.97 -20.37 34.28
N TYR C 166 -4.86 -20.80 35.53
CA TYR C 166 -4.45 -19.88 36.62
C TYR C 166 -3.71 -20.57 37.74
N GLU C 167 -2.45 -20.24 37.94
CA GLU C 167 -1.69 -20.66 39.12
C GLU C 167 -1.00 -19.40 39.61
N GLN C 168 -1.55 -18.78 40.66
CA GLN C 168 -1.14 -17.41 40.94
C GLN C 168 0.38 -17.36 41.18
N PRO C 169 1.08 -16.30 40.66
CA PRO C 169 0.37 -15.17 40.03
C PRO C 169 0.28 -15.21 38.50
N THR C 170 0.31 -16.39 37.88
CA THR C 170 0.32 -16.50 36.42
C THR C 170 -1.07 -16.86 35.90
N ILE C 171 -1.61 -15.99 35.03
CA ILE C 171 -2.79 -16.23 34.21
C ILE C 171 -2.36 -16.68 32.83
N GLN C 172 -3.15 -17.55 32.21
CA GLN C 172 -2.86 -17.98 30.85
C GLN C 172 -4.15 -18.08 30.05
N ILE C 173 -4.08 -17.69 28.78
CA ILE C 173 -5.21 -17.71 27.87
C ILE C 173 -4.78 -18.40 26.58
N GLU C 174 -5.49 -19.47 26.21
CA GLU C 174 -5.22 -20.16 24.96
C GLU C 174 -6.33 -19.83 23.97
N LEU C 175 -5.94 -19.23 22.83
CA LEU C 175 -6.81 -19.03 21.69
C LEU C 175 -6.46 -20.04 20.61
N ARG C 176 -7.50 -20.62 20.00
CA ARG C 176 -7.28 -21.63 18.92
C ARG C 176 -8.27 -21.37 17.79
N GLN C 177 -7.76 -21.03 16.60
CA GLN C 177 -8.65 -20.79 15.42
C GLN C 177 -7.97 -21.35 14.17
N GLN C 178 -8.47 -22.48 13.67
CA GLN C 178 -7.93 -23.09 12.42
C GLN C 178 -8.58 -22.41 11.21
N THR C 179 -7.92 -22.47 10.05
CA THR C 179 -8.49 -21.88 8.82
C THR C 179 -9.89 -22.44 8.57
N SER C 180 -10.10 -23.73 8.88
CA SER C 180 -11.39 -24.36 8.60
C SER C 180 -12.49 -23.92 9.54
N GLN C 181 -12.12 -23.44 10.73
CA GLN C 181 -13.13 -23.03 11.76
C GLN C 181 -13.41 -21.52 11.65
N LYS C 182 -12.89 -20.84 10.62
CA LYS C 182 -13.03 -19.38 10.55
C LYS C 182 -14.06 -19.01 9.49
N ALA C 183 -15.30 -18.79 9.91
CA ALA C 183 -16.31 -18.29 8.99
C ALA C 183 -15.94 -16.90 8.52
N ALA C 184 -16.28 -16.60 7.27
CA ALA C 184 -16.01 -15.28 6.74
C ALA C 184 -16.70 -14.21 7.58
N GLY C 185 -15.97 -13.13 7.86
CA GLY C 185 -16.43 -12.10 8.77
C GLY C 185 -16.14 -12.35 10.23
N ASP C 186 -15.58 -13.50 10.59
CA ASP C 186 -15.12 -13.72 11.96
C ASP C 186 -13.87 -12.90 12.22
N VAL C 187 -13.79 -12.33 13.44
CA VAL C 187 -12.55 -11.75 13.92
C VAL C 187 -11.49 -12.84 14.09
N ASP C 188 -10.25 -12.52 13.74
CA ASP C 188 -9.14 -13.47 13.82
C ASP C 188 -8.50 -13.41 15.21
N ILE C 189 -7.99 -14.56 15.66
CA ILE C 189 -7.37 -14.57 16.99
C ILE C 189 -6.12 -13.69 17.03
N GLY C 190 -5.42 -13.52 15.90
CA GLY C 190 -4.27 -12.65 15.90
C GLY C 190 -4.63 -11.19 16.14
N ASP C 191 -5.76 -10.75 15.60
CA ASP C 191 -6.20 -9.38 15.84
C ASP C 191 -6.72 -9.21 17.25
N ALA C 192 -7.55 -10.14 17.71
CA ALA C 192 -8.05 -10.05 19.08
C ALA C 192 -6.90 -10.09 20.08
N ALA C 193 -5.92 -10.94 19.82
CA ALA C 193 -4.74 -10.99 20.67
C ALA C 193 -3.98 -9.67 20.64
N TYR C 194 -3.87 -9.04 19.47
CA TYR C 194 -3.12 -7.80 19.42
C TYR C 194 -3.84 -6.69 20.16
N TYR C 195 -5.16 -6.59 19.97
CA TYR C 195 -5.92 -5.58 20.72
C TYR C 195 -5.78 -5.83 22.21
N PHE C 196 -5.84 -7.09 22.63
CA PHE C 196 -5.71 -7.38 24.05
C PHE C 196 -4.33 -6.99 24.56
N GLU C 197 -3.28 -7.32 23.82
CA GLU C 197 -1.94 -7.00 24.29
C GLU C 197 -1.75 -5.49 24.40
N ARG C 198 -2.22 -4.74 23.40
CA ARG C 198 -2.10 -3.29 23.46
C ARG C 198 -2.94 -2.70 24.58
N ASP C 199 -4.06 -3.35 24.92
CA ASP C 199 -4.88 -2.84 26.01
C ASP C 199 -4.20 -3.10 27.35
N ILE C 200 -3.61 -4.28 27.51
CA ILE C 200 -2.92 -4.65 28.74
C ILE C 200 -1.76 -3.70 29.01
N LYS C 201 -1.11 -3.21 27.95
CA LYS C 201 0.08 -2.40 28.07
C LYS C 201 -0.19 -0.90 28.12
N GLY C 202 -1.46 -0.49 28.17
CA GLY C 202 -1.81 0.92 28.31
C GLY C 202 -1.90 1.69 27.02
N GLU C 203 -1.55 1.09 25.89
CA GLU C 203 -1.68 1.75 24.60
C GLU C 203 -2.90 1.19 23.86
N SER C 204 -4.07 1.48 24.41
CA SER C 204 -5.32 0.96 23.85
C SER C 204 -5.60 1.55 22.47
N LEU C 205 -6.20 0.73 21.61
CA LEU C 205 -6.61 1.17 20.28
C LEU C 205 -8.06 1.62 20.22
N PHE C 206 -8.86 1.36 21.25
CA PHE C 206 -10.25 1.85 21.28
C PHE C 206 -10.27 3.31 21.70
N GLN C 207 -11.08 4.05 20.99
CA GLN C 207 -11.24 5.48 21.30
C GLN C 207 -11.95 5.59 22.64
N GLY C 208 -11.55 6.56 23.46
CA GLY C 208 -12.22 6.62 24.74
C GLY C 208 -11.69 5.66 25.77
N ARG C 209 -10.59 4.97 25.44
CA ARG C 209 -10.00 3.98 26.38
C ARG C 209 -8.49 4.13 26.42
N GLY C 210 -7.91 4.16 27.62
CA GLY C 210 -6.47 4.21 27.77
C GLY C 210 -5.81 2.88 28.02
N GLY C 211 -6.59 1.82 28.07
CA GLY C 211 -6.06 0.51 28.41
C GLY C 211 -7.08 -0.35 29.10
N LEU C 212 -6.69 -1.57 29.46
CA LEU C 212 -7.68 -2.49 30.06
C LEU C 212 -7.56 -2.45 31.56
N ASP C 213 -8.68 -2.23 32.26
CA ASP C 213 -8.65 -2.30 33.75
C ASP C 213 -9.11 -3.70 34.16
N LEU C 214 -8.19 -4.59 34.53
CA LEU C 214 -8.60 -5.98 34.81
C LEU C 214 -9.20 -6.03 36.20
N ARG C 215 -10.52 -6.16 36.27
CA ARG C 215 -11.23 -6.20 37.57
C ARG C 215 -11.97 -7.53 37.70
N VAL C 216 -11.46 -8.43 38.52
CA VAL C 216 -12.13 -9.72 38.79
C VAL C 216 -12.76 -9.64 40.18
N ARG C 217 -14.07 -9.80 40.26
CA ARG C 217 -14.78 -9.76 41.56
C ARG C 217 -14.49 -8.41 42.22
N GLY C 218 -14.57 -7.35 41.44
CA GLY C 218 -14.38 -5.99 42.00
C GLY C 218 -13.01 -5.80 42.60
N GLU C 219 -12.09 -6.71 42.35
CA GLU C 219 -10.69 -6.54 42.82
C GLU C 219 -9.82 -6.22 41.62
N PRO C 220 -9.49 -4.95 41.35
CA PRO C 220 -8.57 -4.65 40.25
C PRO C 220 -7.33 -5.52 40.30
N LEU C 221 -6.83 -5.85 39.10
CA LEU C 221 -5.61 -6.67 38.98
C LEU C 221 -4.69 -6.04 37.95
N GLN C 222 -3.50 -5.61 38.36
CA GLN C 222 -2.50 -5.00 37.50
C GLN C 222 -1.58 -6.09 36.96
N VAL C 223 -1.32 -6.06 35.66
CA VAL C 223 -0.44 -7.04 35.03
C VAL C 223 0.97 -6.48 35.00
N GLU C 224 1.91 -7.22 35.59
CA GLU C 224 3.30 -6.79 35.54
C GLU C 224 3.97 -7.23 34.26
N ARG C 225 3.62 -8.39 33.74
CA ARG C 225 4.39 -8.98 32.66
C ARG C 225 3.47 -9.68 31.69
N THR C 226 3.76 -9.55 30.39
CA THR C 226 3.01 -10.22 29.34
C THR C 226 3.97 -10.95 28.41
N LEU C 227 3.67 -12.20 28.07
CA LEU C 227 4.40 -12.92 27.04
C LEU C 227 3.42 -13.66 26.16
N ILE C 228 3.60 -13.58 24.84
CA ILE C 228 2.69 -14.18 23.90
C ILE C 228 3.47 -15.17 23.05
N TYR C 229 2.87 -16.33 22.79
CA TYR C 229 3.52 -17.40 22.04
C TYR C 229 2.61 -17.78 20.89
N TYR C 230 3.20 -17.93 19.71
CA TYR C 230 2.45 -18.13 18.48
C TYR C 230 2.82 -19.49 17.91
N LEU C 231 1.81 -20.32 17.67
CA LEU C 231 1.99 -21.63 17.08
C LEU C 231 1.32 -21.66 15.72
N ASP C 232 2.10 -21.95 14.68
CA ASP C 232 1.69 -21.93 13.29
C ASP C 232 1.31 -23.34 12.82
N GLU C 233 0.60 -23.38 11.68
CA GLU C 233 0.21 -24.64 11.04
C GLU C 233 1.39 -25.34 10.36
N ILE C 234 2.51 -24.67 10.15
CA ILE C 234 3.73 -25.32 9.70
C ILE C 234 4.89 -24.84 10.58
N PRO C 235 5.82 -25.71 10.97
CA PRO C 235 6.89 -25.28 11.85
C PRO C 235 7.80 -24.27 11.18
N PRO C 236 8.37 -23.35 11.96
CA PRO C 236 9.34 -22.40 11.42
C PRO C 236 10.59 -23.06 10.87
N LYS C 237 11.15 -22.45 9.82
CA LYS C 237 12.35 -22.95 9.15
C LYS C 237 13.58 -22.17 9.62
N PHE C 238 13.99 -22.44 10.85
CA PHE C 238 15.27 -21.95 11.37
C PHE C 238 16.34 -23.03 11.21
N SER C 239 17.60 -22.59 11.22
CA SER C 239 18.73 -23.50 11.06
C SER C 239 19.56 -23.61 12.34
N ASP D 2 -23.67 12.88 -50.49
CA ASP D 2 -22.85 12.17 -51.48
C ASP D 2 -22.50 10.76 -51.00
N ASN D 3 -22.68 10.52 -49.69
CA ASN D 3 -22.38 9.23 -49.07
C ASN D 3 -20.97 8.77 -49.40
N CYS D 4 -20.09 9.72 -49.70
CA CYS D 4 -18.67 9.36 -49.98
C CYS D 4 -18.00 9.06 -48.65
N THR D 5 -17.86 7.78 -48.33
CA THR D 5 -17.29 7.42 -47.01
C THR D 5 -16.50 6.12 -47.12
N CYS D 6 -15.68 5.84 -46.11
CA CYS D 6 -14.95 4.55 -46.08
C CYS D 6 -15.42 3.81 -44.85
N PRO D 7 -16.54 3.07 -44.93
CA PRO D 7 -17.10 2.41 -43.77
C PRO D 7 -16.13 1.59 -42.92
N THR D 8 -15.12 0.98 -43.52
CA THR D 8 -14.25 0.08 -42.74
C THR D 8 -13.05 0.82 -42.20
N ASN D 9 -12.98 2.12 -42.45
CA ASN D 9 -11.84 2.91 -42.00
C ASN D 9 -12.24 4.39 -42.10
N LYS D 10 -12.56 5.00 -40.96
CA LYS D 10 -12.79 6.43 -40.94
C LYS D 10 -11.50 7.22 -40.70
N MET D 11 -10.39 6.56 -40.39
CA MET D 11 -9.10 7.22 -40.28
C MET D 11 -8.55 7.50 -41.67
N THR D 12 -9.36 8.16 -42.51
CA THR D 12 -9.06 8.40 -43.92
C THR D 12 -9.61 9.75 -44.31
N VAL D 13 -9.26 10.18 -45.52
CA VAL D 13 -9.85 11.35 -46.15
C VAL D 13 -10.51 10.92 -47.45
N CYS D 14 -11.76 11.30 -47.64
CA CYS D 14 -12.50 10.83 -48.82
C CYS D 14 -13.17 12.02 -49.50
N SER D 15 -13.23 12.01 -50.83
CA SER D 15 -13.78 13.18 -51.56
C SER D 15 -14.27 12.74 -52.93
N PRO D 16 -15.42 13.26 -53.38
CA PRO D 16 -15.94 12.89 -54.67
C PRO D 16 -15.29 13.62 -55.84
N ASP D 17 -13.98 13.47 -56.01
CA ASP D 17 -13.28 14.23 -57.06
C ASP D 17 -12.68 13.33 -58.14
N GLY D 18 -13.19 12.11 -58.30
CA GLY D 18 -12.72 11.23 -59.36
C GLY D 18 -13.39 11.53 -60.69
N PRO D 19 -13.05 10.71 -61.69
CA PRO D 19 -13.78 10.81 -62.97
C PRO D 19 -15.25 10.52 -62.76
N GLY D 20 -16.10 11.34 -63.36
CA GLY D 20 -17.50 11.23 -63.02
C GLY D 20 -17.85 11.59 -61.59
N GLY D 21 -16.91 12.09 -60.80
CA GLY D 21 -17.18 12.41 -59.39
C GLY D 21 -16.98 11.23 -58.46
N ARG D 22 -16.40 10.15 -58.95
CA ARG D 22 -16.14 8.95 -58.15
C ARG D 22 -15.53 9.33 -56.82
N CYS D 23 -16.03 8.72 -55.75
CA CYS D 23 -15.51 9.02 -54.41
C CYS D 23 -14.14 8.38 -54.31
N GLN D 24 -13.11 9.19 -54.09
CA GLN D 24 -11.75 8.67 -53.93
C GLN D 24 -11.35 8.86 -52.47
N CYS D 25 -10.60 7.92 -51.91
CA CYS D 25 -10.22 7.99 -50.49
C CYS D 25 -8.74 7.68 -50.30
N ARG D 26 -8.15 8.10 -49.20
CA ARG D 26 -6.75 7.82 -48.93
C ARG D 26 -6.53 7.72 -47.43
N ALA D 27 -5.57 6.88 -47.05
CA ALA D 27 -5.24 6.69 -45.65
C ALA D 27 -4.65 7.96 -45.06
N LEU D 28 -5.20 8.39 -43.94
CA LEU D 28 -4.65 9.52 -43.20
C LEU D 28 -3.24 9.20 -42.74
N GLY D 29 -2.34 10.16 -42.92
CA GLY D 29 -0.99 10.03 -42.45
C GLY D 29 -0.03 9.28 -43.35
N SER D 30 -0.53 8.65 -44.41
CA SER D 30 0.35 7.83 -45.27
C SER D 30 0.03 8.06 -46.75
N GLY D 31 -1.21 8.49 -47.06
CA GLY D 31 -1.62 8.67 -48.47
C GLY D 31 -1.73 7.34 -49.19
N MET D 32 -1.77 6.24 -48.44
CA MET D 32 -1.88 4.88 -49.03
C MET D 32 -3.33 4.65 -49.47
N ALA D 33 -3.56 3.61 -50.29
CA ALA D 33 -4.91 3.36 -50.80
C ALA D 33 -5.69 2.51 -49.80
N VAL D 34 -7.00 2.60 -49.86
CA VAL D 34 -7.81 1.92 -48.83
C VAL D 34 -8.92 1.11 -49.47
N ASP D 35 -9.18 -0.09 -48.94
CA ASP D 35 -10.35 -0.87 -49.38
C ASP D 35 -11.43 -0.55 -48.38
N CYS D 36 -12.45 0.16 -48.81
CA CYS D 36 -13.53 0.61 -47.90
C CYS D 36 -14.54 -0.50 -47.71
N SER D 37 -14.20 -1.72 -48.11
CA SER D 37 -15.10 -2.89 -47.96
C SER D 37 -14.36 -4.04 -47.28
N THR D 38 -13.24 -3.74 -46.61
CA THR D 38 -12.51 -4.77 -45.83
C THR D 38 -11.62 -4.10 -44.81
N LEU D 39 -10.96 -4.89 -43.99
CA LEU D 39 -10.07 -4.36 -42.97
C LEU D 39 -8.85 -3.70 -43.60
N THR D 40 -8.43 -2.56 -43.03
CA THR D 40 -7.19 -1.89 -43.46
C THR D 40 -6.09 -2.43 -42.56
N SER D 41 -4.90 -2.65 -43.08
CA SER D 41 -3.81 -3.31 -42.37
C SER D 41 -3.41 -2.51 -41.14
N LYS D 42 -2.91 -3.23 -40.12
CA LYS D 42 -2.59 -2.59 -38.84
C LYS D 42 -1.52 -1.51 -39.00
N CYS D 43 -0.59 -1.70 -39.93
CA CYS D 43 0.51 -0.76 -40.10
C CYS D 43 0.01 0.60 -40.56
N LEU D 44 -0.89 0.61 -41.56
CA LEU D 44 -1.42 1.89 -42.02
C LEU D 44 -2.29 2.55 -40.95
N LEU D 45 -2.99 1.76 -40.15
CA LEU D 45 -3.79 2.33 -39.07
C LEU D 45 -2.92 2.98 -38.02
N LEU D 46 -1.78 2.36 -37.70
CA LEU D 46 -0.86 2.99 -36.75
C LEU D 46 -0.26 4.25 -37.33
N LYS D 47 0.05 4.26 -38.63
CA LYS D 47 0.54 5.50 -39.23
C LYS D 47 -0.53 6.58 -39.15
N ALA D 48 -1.80 6.20 -39.34
CA ALA D 48 -2.88 7.17 -39.28
C ALA D 48 -3.05 7.74 -37.89
N ARG D 49 -2.90 6.89 -36.87
CA ARG D 49 -3.08 7.35 -35.49
C ARG D 49 -2.00 8.35 -35.10
N MET D 50 -0.78 8.14 -35.59
CA MET D 50 0.35 9.00 -35.30
C MET D 50 0.52 10.15 -36.26
N SER D 51 -0.39 10.30 -37.21
CA SER D 51 -0.25 11.36 -38.19
C SER D 51 -0.30 12.73 -37.52
N ALA D 52 0.62 13.60 -37.90
CA ALA D 52 0.69 15.02 -37.59
C ALA D 52 0.04 15.83 -38.71
N PRO D 53 -0.73 16.87 -38.43
CA PRO D 53 -1.08 17.82 -39.49
C PRO D 53 0.19 18.50 -39.99
N LYS D 54 0.25 18.79 -41.29
CA LYS D 54 1.48 19.36 -41.83
C LYS D 54 1.64 20.82 -41.38
N ASN D 55 0.54 21.56 -41.28
CA ASN D 55 0.54 22.94 -40.78
C ASN D 55 -0.14 22.95 -39.42
N ALA D 56 0.64 23.15 -38.36
CA ALA D 56 0.07 23.18 -37.02
C ALA D 56 -0.90 24.34 -36.83
N ARG D 57 -0.64 25.47 -37.48
CA ARG D 57 -1.43 26.70 -37.33
C ARG D 57 -1.43 27.04 -35.84
N THR D 58 -2.58 27.22 -35.19
CA THR D 58 -2.63 27.54 -33.77
C THR D 58 -2.53 26.31 -32.87
N LEU D 59 -2.54 25.10 -33.43
CA LEU D 59 -2.20 23.92 -32.65
C LEU D 59 -0.74 23.97 -32.25
N VAL D 60 -0.44 23.35 -31.12
CA VAL D 60 0.93 23.20 -30.68
C VAL D 60 1.37 21.78 -30.98
N ARG D 61 2.70 21.54 -30.94
CA ARG D 61 3.19 20.19 -31.24
C ARG D 61 3.80 19.55 -29.99
N PRO D 62 3.72 18.24 -29.84
CA PRO D 62 4.27 17.60 -28.65
C PRO D 62 5.78 17.82 -28.55
N SER D 63 6.25 18.00 -27.32
CA SER D 63 7.67 18.22 -27.13
C SER D 63 8.46 16.97 -27.53
N GLU D 64 9.70 17.18 -27.97
CA GLU D 64 10.55 16.06 -28.29
C GLU D 64 10.80 15.19 -27.07
N HIS D 65 10.77 15.77 -25.88
CA HIS D 65 10.97 15.05 -24.63
C HIS D 65 9.68 14.52 -24.01
N ALA D 66 8.54 14.77 -24.62
CA ALA D 66 7.27 14.27 -24.09
C ALA D 66 7.16 12.77 -24.30
N LEU D 67 6.45 12.11 -23.37
CA LEU D 67 6.23 10.66 -23.42
C LEU D 67 4.74 10.36 -23.47
N VAL D 68 4.44 9.10 -23.80
CA VAL D 68 3.07 8.61 -23.95
C VAL D 68 2.90 7.37 -23.07
N ASP D 69 1.65 7.08 -22.71
CA ASP D 69 1.35 5.93 -21.84
C ASP D 69 1.85 4.64 -22.44
N ASN D 70 1.51 4.39 -23.71
CA ASN D 70 1.84 3.13 -24.38
C ASN D 70 3.26 3.26 -24.93
N ASP D 71 4.22 2.63 -24.24
CA ASP D 71 5.61 2.76 -24.61
C ASP D 71 6.00 1.94 -25.84
N GLY D 72 5.11 1.07 -26.30
CA GLY D 72 5.28 0.34 -27.55
C GLY D 72 4.61 0.99 -28.74
N LEU D 73 4.10 2.20 -28.58
CA LEU D 73 3.38 2.89 -29.64
C LEU D 73 4.37 3.77 -30.42
N TYR D 74 4.29 3.71 -31.74
CA TYR D 74 5.21 4.47 -32.62
C TYR D 74 4.63 4.62 -34.01
N ASP D 75 5.19 5.53 -34.82
CA ASP D 75 4.81 5.68 -36.21
C ASP D 75 5.64 4.73 -37.06
N PRO D 76 5.02 3.76 -37.75
CA PRO D 76 5.79 2.71 -38.43
C PRO D 76 6.03 2.95 -39.92
N ASP D 77 7.00 2.23 -40.48
CA ASP D 77 7.25 2.21 -41.91
C ASP D 77 6.59 0.98 -42.52
N CYS D 78 5.75 1.18 -43.54
CA CYS D 78 4.99 0.10 -44.13
C CYS D 78 5.39 -0.10 -45.59
N ASP D 79 5.35 -1.37 -46.02
CA ASP D 79 5.66 -1.77 -47.37
C ASP D 79 4.46 -1.52 -48.29
N PRO D 80 4.66 -1.64 -49.62
CA PRO D 80 3.56 -1.32 -50.56
C PRO D 80 2.29 -2.11 -50.34
N GLU D 81 2.38 -3.32 -49.80
CA GLU D 81 1.19 -4.12 -49.53
C GLU D 81 0.53 -3.79 -48.20
N GLY D 82 1.10 -2.88 -47.41
CA GLY D 82 0.55 -2.52 -46.11
C GLY D 82 1.08 -3.31 -44.92
N ARG D 83 2.06 -4.14 -45.15
CA ARG D 83 2.64 -4.90 -44.06
C ARG D 83 3.71 -4.07 -43.37
N PHE D 84 3.94 -4.33 -42.10
CA PHE D 84 5.05 -3.66 -41.44
C PHE D 84 6.34 -4.01 -42.16
N LYS D 85 7.20 -3.02 -42.34
CA LYS D 85 8.57 -3.32 -42.72
C LYS D 85 9.23 -4.05 -41.55
N ALA D 86 9.96 -5.13 -41.85
CA ALA D 86 10.46 -5.99 -40.79
C ALA D 86 11.41 -5.25 -39.86
N ARG D 87 12.11 -4.24 -40.38
CA ARG D 87 13.00 -3.41 -39.59
C ARG D 87 12.36 -2.05 -39.39
N GLN D 88 12.22 -1.63 -38.13
CA GLN D 88 11.66 -0.34 -37.78
C GLN D 88 12.68 0.45 -36.98
N CYS D 89 12.64 1.77 -37.14
CA CYS D 89 13.65 2.62 -36.55
C CYS D 89 13.01 3.88 -35.99
N GLN D 90 13.73 4.50 -35.06
CA GLN D 90 13.23 5.71 -34.39
C GLN D 90 14.44 6.51 -33.92
N GLN D 91 14.25 7.79 -33.57
CA GLN D 91 15.36 8.63 -33.04
C GLN D 91 16.52 8.57 -34.02
N THR D 92 16.21 8.52 -35.32
CA THR D 92 17.25 8.57 -36.38
C THR D 92 18.03 7.26 -36.45
N SER D 93 18.70 6.86 -35.38
CA SER D 93 19.60 5.68 -35.49
C SER D 93 19.02 4.46 -34.83
N VAL D 94 18.27 4.64 -33.75
CA VAL D 94 17.84 3.45 -33.02
C VAL D 94 17.02 2.56 -33.93
N CYS D 95 17.27 1.25 -33.89
CA CYS D 95 16.68 0.35 -34.87
C CYS D 95 16.46 -1.02 -34.25
N TRP D 96 15.42 -1.71 -34.72
CA TRP D 96 15.03 -3.01 -34.19
C TRP D 96 14.18 -3.74 -35.22
N CYS D 97 13.95 -5.03 -34.98
CA CYS D 97 13.08 -5.85 -35.79
C CYS D 97 11.71 -6.01 -35.13
N VAL D 98 10.71 -6.32 -35.96
CA VAL D 98 9.34 -6.54 -35.49
C VAL D 98 8.76 -7.75 -36.21
N ASN D 99 7.66 -8.24 -35.68
CA ASN D 99 6.95 -9.35 -36.30
C ASN D 99 5.79 -8.81 -37.13
N SER D 100 4.89 -9.69 -37.57
CA SER D 100 3.79 -9.30 -38.43
C SER D 100 2.82 -8.34 -37.75
N VAL D 101 2.76 -8.36 -36.41
CA VAL D 101 1.94 -7.40 -35.69
C VAL D 101 2.72 -6.18 -35.24
N GLY D 102 4.02 -6.10 -35.56
CA GLY D 102 4.78 -4.90 -35.26
C GLY D 102 5.27 -4.76 -33.84
N VAL D 103 5.40 -5.85 -33.11
CA VAL D 103 5.94 -5.85 -31.75
C VAL D 103 7.44 -6.16 -31.81
N ARG D 104 8.24 -5.41 -31.05
CA ARG D 104 9.67 -5.64 -31.05
C ARG D 104 9.97 -7.07 -30.61
N ARG D 105 10.85 -7.76 -31.36
CA ARG D 105 11.12 -9.19 -31.05
C ARG D 105 12.61 -9.42 -30.79
N THR D 106 13.47 -8.44 -31.10
CA THR D 106 14.90 -8.64 -30.94
C THR D 106 15.46 -7.53 -30.07
N ASP D 107 16.70 -7.74 -29.61
CA ASP D 107 17.41 -6.71 -28.89
C ASP D 107 17.67 -5.51 -29.81
N LYS D 108 17.56 -4.32 -29.25
CA LYS D 108 17.77 -3.09 -30.02
C LYS D 108 19.25 -2.93 -30.40
N GLY D 109 19.48 -2.31 -31.55
CA GLY D 109 20.81 -2.07 -32.06
C GLY D 109 20.91 -0.78 -32.84
N ASP D 110 21.93 -0.66 -33.68
CA ASP D 110 22.12 0.53 -34.51
C ASP D 110 21.73 0.22 -35.96
N LEU D 111 22.12 1.12 -36.87
CA LEU D 111 21.70 1.03 -38.27
C LEU D 111 22.24 -0.21 -38.96
N SER D 112 23.31 -0.81 -38.42
CA SER D 112 23.91 -2.01 -39.00
C SER D 112 23.02 -3.24 -38.85
N LEU D 113 21.97 -3.18 -38.04
CA LEU D 113 21.06 -4.31 -37.91
C LEU D 113 20.36 -4.62 -39.22
N ARG D 114 20.17 -5.90 -39.50
CA ARG D 114 19.40 -6.35 -40.65
C ARG D 114 18.44 -7.46 -40.22
N CYS D 115 17.18 -7.35 -40.64
CA CYS D 115 16.16 -8.33 -40.31
C CYS D 115 15.91 -9.20 -41.54
N ASP D 116 16.09 -10.51 -41.40
CA ASP D 116 16.06 -11.40 -42.55
C ASP D 116 14.69 -11.42 -43.21
N GLU D 117 13.62 -11.35 -42.42
CA GLU D 117 12.28 -11.59 -42.94
C GLU D 117 11.27 -11.02 -41.96
N LEU D 118 10.03 -10.93 -42.41
CA LEU D 118 8.92 -10.56 -41.54
C LEU D 118 8.37 -11.82 -40.91
N VAL D 119 8.77 -12.09 -39.66
CA VAL D 119 8.25 -13.25 -38.95
C VAL D 119 6.75 -13.08 -38.76
N ARG D 120 6.00 -14.13 -39.07
CA ARG D 120 4.54 -14.06 -39.13
C ARG D 120 3.96 -14.51 -37.80
N THR D 121 3.18 -13.65 -37.16
CA THR D 121 2.45 -14.04 -35.96
C THR D 121 1.22 -14.84 -36.37
N HIS D 122 1.21 -16.13 -36.00
CA HIS D 122 0.12 -17.04 -36.37
C HIS D 122 -0.82 -17.37 -35.22
N HIS D 123 -0.51 -16.94 -33.99
CA HIS D 123 -1.33 -17.28 -32.84
C HIS D 123 -1.49 -16.04 -31.98
N ILE D 124 -2.72 -15.77 -31.57
CA ILE D 124 -3.02 -14.57 -30.79
C ILE D 124 -3.93 -14.96 -29.64
N LEU D 125 -3.53 -14.59 -28.43
CA LEU D 125 -4.35 -14.79 -27.24
C LEU D 125 -4.93 -13.45 -26.82
N ILE D 126 -6.26 -13.39 -26.79
CA ILE D 126 -6.98 -12.16 -26.36
C ILE D 126 -7.65 -12.43 -25.00
N ASP D 127 -7.23 -11.77 -23.93
CA ASP D 127 -7.75 -11.96 -22.58
C ASP D 127 -8.49 -10.69 -22.17
N LEU D 128 -9.79 -10.80 -21.99
CA LEU D 128 -10.65 -9.69 -21.60
C LEU D 128 -11.19 -9.94 -20.20
N ARG D 129 -11.21 -8.88 -19.39
CA ARG D 129 -11.79 -8.91 -18.05
C ARG D 129 -12.92 -7.90 -18.04
N HIS D 130 -14.15 -8.41 -18.14
CA HIS D 130 -15.35 -7.60 -18.09
C HIS D 130 -15.77 -7.31 -16.64
N ARG D 131 -16.46 -6.19 -16.48
CA ARG D 131 -16.96 -5.81 -15.17
C ARG D 131 -18.01 -6.84 -14.70
N PRO D 132 -18.01 -7.21 -13.42
CA PRO D 132 -18.94 -8.25 -12.98
C PRO D 132 -20.38 -7.82 -13.20
N THR D 133 -21.20 -8.77 -13.63
CA THR D 133 -22.61 -8.55 -13.93
C THR D 133 -23.36 -9.83 -13.65
N ALA D 134 -24.67 -9.69 -13.44
CA ALA D 134 -25.52 -10.85 -13.21
C ALA D 134 -25.64 -11.74 -14.44
N GLY D 135 -25.36 -11.21 -15.63
CA GLY D 135 -25.41 -12.01 -16.83
C GLY D 135 -24.18 -12.86 -17.06
N ALA D 136 -24.15 -14.03 -16.42
CA ALA D 136 -23.09 -15.02 -16.68
C ALA D 136 -23.44 -15.76 -17.97
N PHE D 137 -23.48 -15.00 -19.07
CA PHE D 137 -23.89 -15.57 -20.38
C PHE D 137 -23.17 -16.90 -20.59
N ASN D 138 -23.93 -17.91 -20.94
CA ASN D 138 -23.31 -19.25 -21.07
C ASN D 138 -22.33 -19.28 -22.23
N HIS D 139 -21.24 -20.02 -22.08
CA HIS D 139 -20.18 -20.14 -23.11
C HIS D 139 -20.78 -20.27 -24.49
N SER D 140 -21.78 -21.13 -24.65
CA SER D 140 -22.35 -21.36 -25.99
C SER D 140 -22.80 -20.03 -26.60
N ASP D 141 -23.53 -19.24 -25.84
CA ASP D 141 -24.07 -17.98 -26.40
C ASP D 141 -22.92 -17.01 -26.66
N LEU D 142 -21.84 -17.14 -25.91
CA LEU D 142 -20.67 -16.24 -26.07
C LEU D 142 -19.95 -16.59 -27.37
N ASP D 143 -19.50 -17.84 -27.51
CA ASP D 143 -18.87 -18.26 -28.79
C ASP D 143 -19.76 -17.83 -29.96
N ALA D 144 -21.09 -17.94 -29.83
CA ALA D 144 -22.00 -17.63 -30.95
C ALA D 144 -21.82 -16.19 -31.43
N GLU D 145 -22.04 -15.20 -30.55
CA GLU D 145 -21.97 -13.76 -30.95
C GLU D 145 -20.51 -13.40 -31.29
N LEU D 146 -19.55 -13.95 -30.56
CA LEU D 146 -18.11 -13.66 -30.78
C LEU D 146 -17.69 -14.16 -32.18
N ARG D 147 -17.86 -15.45 -32.48
CA ARG D 147 -17.53 -15.89 -33.83
C ARG D 147 -18.34 -15.14 -34.88
N ARG D 148 -19.57 -14.78 -34.55
CA ARG D 148 -20.40 -13.99 -35.50
C ARG D 148 -19.66 -12.68 -35.75
N LEU D 149 -19.19 -12.03 -34.69
CA LEU D 149 -18.54 -10.73 -34.84
C LEU D 149 -17.24 -10.85 -35.61
N PHE D 150 -16.43 -11.86 -35.28
CA PHE D 150 -15.16 -12.05 -35.98
C PHE D 150 -15.36 -12.49 -37.42
N ARG D 151 -16.56 -12.92 -37.80
CA ARG D 151 -16.85 -13.24 -39.19
C ARG D 151 -17.60 -12.12 -39.94
N GLU D 152 -18.56 -11.44 -39.30
CA GLU D 152 -19.40 -10.46 -40.00
C GLU D 152 -18.98 -9.01 -39.80
N ARG D 153 -18.14 -8.79 -38.71
CA ARG D 153 -17.64 -7.40 -38.50
C ARG D 153 -16.16 -7.33 -38.90
N TYR D 154 -15.34 -8.19 -38.41
CA TYR D 154 -13.90 -8.22 -38.71
C TYR D 154 -13.57 -9.06 -39.93
N ARG D 155 -14.57 -9.75 -40.50
CA ARG D 155 -14.44 -10.48 -41.77
C ARG D 155 -13.34 -11.54 -41.72
N LEU D 156 -13.03 -12.03 -40.52
CA LEU D 156 -12.10 -13.15 -40.40
C LEU D 156 -12.88 -14.45 -40.60
N HIS D 157 -12.22 -15.41 -41.26
CA HIS D 157 -12.85 -16.72 -41.62
C HIS D 157 -12.97 -17.62 -40.40
N PRO D 158 -14.11 -18.33 -40.24
CA PRO D 158 -14.34 -19.06 -38.97
C PRO D 158 -13.25 -20.04 -38.46
N LYS D 159 -12.50 -20.77 -39.33
CA LYS D 159 -11.36 -21.62 -38.93
C LYS D 159 -10.24 -20.82 -38.24
N PHE D 160 -10.11 -19.55 -38.56
CA PHE D 160 -9.03 -18.84 -37.92
C PHE D 160 -9.39 -18.43 -36.51
N VAL D 161 -10.66 -18.57 -36.13
CA VAL D 161 -11.10 -18.47 -34.73
C VAL D 161 -10.87 -19.84 -34.09
N ALA D 162 -9.72 -20.00 -33.42
CA ALA D 162 -9.33 -21.33 -32.94
C ALA D 162 -10.20 -21.77 -31.77
N ALA D 163 -10.39 -20.90 -30.78
CA ALA D 163 -11.21 -21.31 -29.65
C ALA D 163 -11.64 -20.09 -28.85
N VAL D 164 -12.75 -20.23 -28.12
CA VAL D 164 -13.14 -19.22 -27.14
C VAL D 164 -13.35 -19.89 -25.80
N HIS D 165 -12.88 -19.19 -24.77
CA HIS D 165 -12.96 -19.69 -23.39
C HIS D 165 -13.80 -18.72 -22.57
N TYR D 166 -14.34 -19.19 -21.43
CA TYR D 166 -15.09 -18.28 -20.52
C TYR D 166 -15.10 -18.74 -19.07
N GLU D 167 -14.48 -17.96 -18.20
CA GLU D 167 -14.55 -18.19 -16.76
C GLU D 167 -14.63 -16.85 -16.09
N GLN D 168 -15.77 -16.59 -15.46
CA GLN D 168 -16.17 -15.22 -15.12
C GLN D 168 -15.17 -14.60 -14.19
N PRO D 169 -14.76 -13.31 -14.39
CA PRO D 169 -15.27 -12.45 -15.46
C PRO D 169 -14.24 -12.30 -16.59
N THR D 170 -13.63 -13.41 -17.00
CA THR D 170 -12.60 -13.39 -18.02
C THR D 170 -13.07 -14.18 -19.24
N ILE D 171 -13.02 -13.48 -20.39
CA ILE D 171 -13.35 -14.13 -21.68
C ILE D 171 -12.01 -14.22 -22.40
N GLN D 172 -11.80 -15.28 -23.17
CA GLN D 172 -10.49 -15.52 -23.83
C GLN D 172 -10.72 -16.00 -25.25
N ILE D 173 -10.17 -15.30 -26.26
CA ILE D 173 -10.29 -15.73 -27.65
C ILE D 173 -8.89 -16.06 -28.17
N GLU D 174 -8.74 -17.28 -28.68
CA GLU D 174 -7.50 -17.78 -29.24
C GLU D 174 -7.68 -17.86 -30.75
N LEU D 175 -6.81 -17.15 -31.48
CA LEU D 175 -6.81 -17.07 -32.94
C LEU D 175 -5.58 -17.75 -33.52
N ARG D 176 -5.78 -18.52 -34.58
CA ARG D 176 -4.71 -19.27 -35.22
C ARG D 176 -4.86 -19.14 -36.73
N GLN D 177 -3.79 -18.71 -37.40
CA GLN D 177 -3.78 -18.59 -38.85
C GLN D 177 -2.33 -18.75 -39.31
N GLN D 178 -1.99 -19.94 -39.80
CA GLN D 178 -0.70 -20.20 -40.38
C GLN D 178 -0.61 -19.62 -41.79
N THR D 179 0.61 -19.35 -42.23
CA THR D 179 0.81 -18.91 -43.61
C THR D 179 0.33 -19.96 -44.59
N SER D 180 0.45 -21.24 -44.23
CA SER D 180 -0.03 -22.34 -45.07
C SER D 180 -1.54 -22.36 -45.20
N GLN D 181 -2.27 -21.83 -44.21
CA GLN D 181 -3.73 -21.83 -44.22
C GLN D 181 -4.33 -20.54 -44.77
N LYS D 182 -3.52 -19.51 -45.04
CA LYS D 182 -4.04 -18.20 -45.45
C LYS D 182 -4.00 -18.08 -46.97
N ALA D 183 -5.18 -18.16 -47.59
CA ALA D 183 -5.31 -17.76 -48.98
C ALA D 183 -5.12 -16.26 -49.11
N ALA D 184 -4.52 -15.83 -50.22
CA ALA D 184 -4.39 -14.39 -50.46
C ALA D 184 -5.77 -13.77 -50.60
N GLY D 185 -5.92 -12.57 -50.05
CA GLY D 185 -7.20 -11.90 -49.99
C GLY D 185 -8.07 -12.29 -48.82
N ASP D 186 -7.66 -13.26 -48.02
CA ASP D 186 -8.27 -13.51 -46.72
C ASP D 186 -7.79 -12.46 -45.71
N VAL D 187 -8.69 -12.07 -44.80
CA VAL D 187 -8.31 -11.15 -43.74
C VAL D 187 -7.29 -11.84 -42.83
N ASP D 188 -6.23 -11.12 -42.46
CA ASP D 188 -5.21 -11.67 -41.55
C ASP D 188 -5.72 -11.53 -40.13
N ILE D 189 -5.31 -12.46 -39.27
CA ILE D 189 -5.74 -12.44 -37.87
C ILE D 189 -5.18 -11.22 -37.15
N GLY D 190 -4.02 -10.71 -37.56
CA GLY D 190 -3.46 -9.56 -36.87
C GLY D 190 -4.30 -8.31 -37.07
N ASP D 191 -4.86 -8.16 -38.27
CA ASP D 191 -5.68 -6.98 -38.54
C ASP D 191 -7.04 -7.06 -37.85
N ALA D 192 -7.66 -8.25 -37.87
CA ALA D 192 -8.92 -8.40 -37.14
C ALA D 192 -8.71 -8.26 -35.65
N ALA D 193 -7.57 -8.75 -35.15
CA ALA D 193 -7.25 -8.59 -33.74
C ALA D 193 -7.02 -7.13 -33.38
N TYR D 194 -6.39 -6.35 -34.27
CA TYR D 194 -6.22 -4.94 -33.97
C TYR D 194 -7.56 -4.20 -34.01
N TYR D 195 -8.43 -4.56 -34.96
CA TYR D 195 -9.76 -3.94 -34.97
C TYR D 195 -10.51 -4.28 -33.70
N PHE D 196 -10.34 -5.50 -33.19
CA PHE D 196 -11.00 -5.88 -31.95
C PHE D 196 -10.44 -5.11 -30.77
N GLU D 197 -9.11 -4.99 -30.69
CA GLU D 197 -8.50 -4.25 -29.60
C GLU D 197 -8.99 -2.80 -29.59
N ARG D 198 -9.13 -2.22 -30.78
CA ARG D 198 -9.60 -0.84 -30.84
C ARG D 198 -11.10 -0.73 -30.53
N ASP D 199 -11.88 -1.75 -30.89
CA ASP D 199 -13.30 -1.71 -30.56
C ASP D 199 -13.52 -1.82 -29.05
N ILE D 200 -12.69 -2.62 -28.38
CA ILE D 200 -12.84 -2.82 -26.94
C ILE D 200 -12.50 -1.54 -26.18
N LYS D 201 -11.44 -0.87 -26.60
CA LYS D 201 -10.89 0.27 -25.87
C LYS D 201 -11.54 1.59 -26.25
N GLY D 202 -12.61 1.56 -27.04
CA GLY D 202 -13.40 2.76 -27.30
C GLY D 202 -12.95 3.62 -28.46
N GLU D 203 -11.89 3.24 -29.18
CA GLU D 203 -11.53 3.93 -30.41
C GLU D 203 -11.78 3.05 -31.61
N SER D 204 -13.05 2.70 -31.85
CA SER D 204 -13.42 1.89 -32.99
C SER D 204 -13.00 2.58 -34.28
N LEU D 205 -12.55 1.80 -35.26
CA LEU D 205 -12.16 2.29 -36.56
C LEU D 205 -13.31 2.29 -37.58
N PHE D 206 -14.47 1.79 -37.21
CA PHE D 206 -15.59 1.75 -38.14
C PHE D 206 -16.28 3.10 -38.25
N GLN D 207 -17.02 3.18 -39.46
CA GLN D 207 -17.77 4.42 -39.70
C GLN D 207 -19.02 4.42 -38.84
N GLY D 208 -19.11 5.52 -37.94
CA GLY D 208 -20.33 5.66 -37.18
C GLY D 208 -20.38 4.86 -35.90
N ARG D 209 -19.38 4.01 -35.70
CA ARG D 209 -19.35 3.19 -34.48
C ARG D 209 -18.25 3.72 -33.57
N GLY D 210 -18.56 3.97 -32.29
CA GLY D 210 -17.60 4.51 -31.36
C GLY D 210 -16.89 3.50 -30.46
N GLY D 211 -17.40 2.27 -30.44
CA GLY D 211 -16.83 1.22 -29.61
C GLY D 211 -17.55 -0.08 -29.87
N LEU D 212 -17.24 -1.11 -29.10
CA LEU D 212 -17.89 -2.40 -29.26
C LEU D 212 -19.22 -2.39 -28.51
N ASP D 213 -20.33 -2.36 -29.26
CA ASP D 213 -21.69 -2.44 -28.66
C ASP D 213 -22.04 -3.92 -28.47
N LEU D 214 -21.28 -4.62 -27.63
CA LEU D 214 -21.40 -6.06 -27.44
C LEU D 214 -22.64 -6.36 -26.58
N ARG D 215 -23.56 -7.14 -27.13
CA ARG D 215 -24.75 -7.58 -26.43
C ARG D 215 -24.96 -9.06 -26.69
N VAL D 216 -24.88 -9.84 -25.61
CA VAL D 216 -25.19 -11.30 -25.68
C VAL D 216 -26.62 -11.42 -25.17
N ARG D 217 -27.47 -12.06 -25.95
CA ARG D 217 -28.89 -12.20 -25.59
C ARG D 217 -29.49 -10.88 -25.15
N GLY D 218 -29.01 -9.77 -25.72
CA GLY D 218 -29.56 -8.47 -25.49
C GLY D 218 -29.04 -7.74 -24.26
N GLU D 219 -28.20 -8.37 -23.45
CA GLU D 219 -27.64 -7.72 -22.26
C GLU D 219 -26.26 -7.17 -22.56
N PRO D 220 -26.04 -5.87 -22.40
CA PRO D 220 -24.71 -5.30 -22.67
C PRO D 220 -23.63 -5.87 -21.76
N LEU D 221 -22.44 -6.01 -22.33
CA LEU D 221 -21.27 -6.51 -21.61
C LEU D 221 -20.12 -5.52 -21.80
N GLN D 222 -19.58 -5.02 -20.68
CA GLN D 222 -18.48 -4.06 -20.68
C GLN D 222 -17.21 -4.71 -20.17
N VAL D 223 -16.10 -4.45 -20.86
CA VAL D 223 -14.81 -5.02 -20.52
C VAL D 223 -13.97 -3.99 -19.78
N GLU D 224 -13.38 -4.39 -18.65
CA GLU D 224 -12.51 -3.51 -17.89
C GLU D 224 -11.08 -3.52 -18.43
N ARG D 225 -10.49 -4.71 -18.52
CA ARG D 225 -9.07 -4.82 -18.84
C ARG D 225 -8.86 -5.72 -20.05
N THR D 226 -7.86 -5.39 -20.86
CA THR D 226 -7.57 -6.07 -22.10
C THR D 226 -6.08 -6.39 -22.18
N LEU D 227 -5.74 -7.66 -22.35
CA LEU D 227 -4.35 -8.10 -22.48
C LEU D 227 -4.24 -9.06 -23.66
N ILE D 228 -3.38 -8.70 -24.63
CA ILE D 228 -3.24 -9.53 -25.86
C ILE D 228 -1.81 -10.02 -26.02
N TYR D 229 -1.63 -11.32 -26.25
CA TYR D 229 -0.34 -11.99 -26.38
C TYR D 229 -0.17 -12.49 -27.81
N TYR D 230 1.05 -12.43 -28.32
CA TYR D 230 1.35 -12.80 -29.70
C TYR D 230 2.36 -13.94 -29.71
N LEU D 231 2.05 -14.99 -30.48
CA LEU D 231 2.95 -16.11 -30.70
C LEU D 231 3.13 -16.31 -32.19
N ASP D 232 4.39 -16.28 -32.60
CA ASP D 232 4.73 -16.33 -34.04
C ASP D 232 5.47 -17.62 -34.38
N GLU D 233 5.92 -17.76 -35.62
CA GLU D 233 6.55 -18.99 -36.09
C GLU D 233 7.93 -19.22 -35.48
N ILE D 234 8.65 -18.14 -35.17
CA ILE D 234 10.00 -18.30 -34.62
C ILE D 234 10.04 -17.62 -33.26
N PRO D 235 10.68 -18.24 -32.27
CA PRO D 235 10.76 -17.61 -30.95
C PRO D 235 11.53 -16.30 -31.01
N PRO D 236 11.14 -15.31 -30.20
CA PRO D 236 11.89 -14.05 -30.17
C PRO D 236 13.34 -14.25 -29.75
N LYS D 237 14.23 -13.47 -30.37
CA LYS D 237 15.67 -13.61 -30.19
C LYS D 237 16.19 -12.48 -29.31
N PHE D 238 15.91 -12.61 -28.01
CA PHE D 238 16.38 -11.63 -27.04
C PHE D 238 17.75 -12.01 -26.48
C1 NAG E . -19.95 31.44 -31.99
C2 NAG E . -19.66 32.53 -33.00
C3 NAG E . -19.31 33.81 -32.29
C4 NAG E . -20.49 34.21 -31.40
C5 NAG E . -20.74 33.06 -30.40
C6 NAG E . -21.89 33.27 -29.43
C7 NAG E . -18.70 31.63 -35.08
C8 NAG E . -17.55 30.80 -35.55
N2 NAG E . -18.56 32.15 -33.86
O3 NAG E . -19.00 34.81 -33.29
O4 NAG E . -20.30 35.49 -30.75
O5 NAG E . -21.02 31.89 -31.15
O6 NAG E . -22.97 33.99 -30.04
O7 NAG E . -19.70 31.80 -35.76
C1 NAG E . -21.13 36.56 -31.34
C2 NAG E . -21.60 37.61 -30.33
C3 NAG E . -22.14 38.90 -30.94
C4 NAG E . -21.65 39.22 -32.35
C5 NAG E . -21.51 37.94 -33.17
C6 NAG E . -21.08 38.18 -34.61
C7 NAG E . -22.67 37.04 -28.22
C8 NAG E . -23.94 37.56 -27.62
N2 NAG E . -22.67 37.01 -29.55
O3 NAG E . -21.77 39.99 -30.08
O4 NAG E . -22.55 40.11 -33.00
O5 NAG E . -20.54 37.18 -32.48
O6 NAG E . -19.84 38.88 -34.66
O7 NAG E . -21.73 36.67 -27.55
C1 FUC E . -24.11 33.14 -30.35
C2 FUC E . -25.43 33.85 -30.09
C3 FUC E . -25.64 34.95 -31.13
C4 FUC E . -25.58 34.35 -32.52
C5 FUC E . -24.25 33.63 -32.70
C6 FUC E . -24.17 32.97 -34.08
O2 FUC E . -25.41 34.42 -28.78
O3 FUC E . -26.91 35.57 -30.91
O4 FUC E . -26.64 33.42 -32.73
O5 FUC E . -24.10 32.63 -31.69
C1 NAG F . 1.52 30.49 26.76
C2 NAG F . 1.27 31.12 25.40
C3 NAG F . 1.78 32.55 25.42
C4 NAG F . 1.15 33.31 26.59
C5 NAG F . 1.41 32.56 27.89
C6 NAG F . 0.71 33.25 29.05
C7 NAG F . 3.05 29.75 24.22
C8 NAG F . 3.15 28.74 23.12
N2 NAG F . 1.87 30.37 24.29
O3 NAG F . 1.46 33.15 24.17
O4 NAG F . 1.71 34.63 26.73
O5 NAG F . 0.93 31.22 27.83
O6 NAG F . -0.70 33.16 28.88
O7 NAG F . 4.01 29.95 24.95
C1 NAG F . 0.91 35.64 26.10
C2 NAG F . 0.99 36.93 26.90
C3 NAG F . 0.21 38.03 26.18
C4 NAG F . 0.78 38.19 24.77
C5 NAG F . 0.70 36.86 24.04
C6 NAG F . 1.32 36.92 22.65
C7 NAG F . 1.21 36.87 29.31
C8 NAG F . 0.64 37.74 30.40
N2 NAG F . 0.45 36.76 28.22
O3 NAG F . 0.34 39.26 26.89
O4 NAG F . 0.02 39.20 24.08
O5 NAG F . 1.40 35.88 24.79
O6 NAG F . 0.56 37.79 21.80
O7 NAG F . 2.28 36.30 29.42
C1 FUC F . -1.42 34.08 29.73
C2 FUC F . -2.85 34.20 29.23
C3 FUC F . -3.59 32.89 29.45
C4 FUC F . -3.54 32.52 30.92
C5 FUC F . -2.09 32.44 31.36
C6 FUC F . -1.98 32.14 32.85
O2 FUC F . -2.86 34.55 27.85
O3 FUC F . -4.95 33.00 29.02
O4 FUC F . -4.24 33.49 31.71
O5 FUC F . -1.45 33.70 31.11
S SO4 G . -21.06 17.34 -16.86
O1 SO4 G . -21.28 15.95 -16.61
O2 SO4 G . -19.75 17.70 -16.45
O3 SO4 G . -21.21 17.60 -18.26
O4 SO4 G . -22.01 18.12 -16.12
S SO4 H . 4.68 14.80 40.70
O1 SO4 H . 4.42 13.61 39.96
O2 SO4 H . 4.28 14.61 42.07
O3 SO4 H . 6.08 15.10 40.64
O4 SO4 H . 3.93 15.87 40.13
C1 NAG I . -14.69 -21.12 43.94
C2 NAG I . -16.15 -21.43 43.61
C3 NAG I . -16.70 -22.54 44.49
C4 NAG I . -15.72 -23.69 44.61
C5 NAG I . -14.35 -23.16 45.00
C6 NAG I . -13.32 -24.26 45.21
C7 NAG I . -17.95 -19.87 43.03
C8 NAG I . -18.48 -18.49 43.25
N2 NAG I . -16.92 -20.22 43.80
O3 NAG I . -17.91 -23.05 43.93
O4 NAG I . -16.18 -24.58 45.62
O5 NAG I . -13.94 -22.32 43.93
O6 NAG I . -13.55 -24.91 46.46
O7 NAG I . -18.43 -20.62 42.19
C1 NAG J . -28.00 -19.95 -21.96
C2 NAG J . -28.88 -21.06 -22.53
C3 NAG J . -29.98 -20.44 -23.39
C4 NAG J . -30.79 -19.43 -22.56
C5 NAG J . -29.88 -18.40 -21.92
C6 NAG J . -30.62 -17.50 -20.95
C7 NAG J . -27.27 -22.90 -22.75
C8 NAG J . -26.56 -23.82 -23.71
N2 NAG J . -28.11 -22.03 -23.31
O3 NAG J . -30.83 -21.44 -23.94
O4 NAG J . -31.72 -18.74 -23.39
O5 NAG J . -28.82 -19.03 -21.18
O6 NAG J . -31.60 -16.72 -21.61
O7 NAG J . -27.08 -22.96 -21.54
#